data_5AXI
#
_entry.id   5AXI
#
_cell.length_a   79.144
_cell.length_b   94.091
_cell.length_c   133.949
_cell.angle_alpha   90.00
_cell.angle_beta   90.00
_cell.angle_gamma   90.00
#
_symmetry.space_group_name_H-M   'P 21 21 21'
#
loop_
_entity.id
_entity.type
_entity.pdbx_description
1 polymer 'E3 ubiquitin-protein ligase CBL-B'
2 polymer Cblin
3 non-polymer 'CALCIUM ION'
4 non-polymer 'CHLORIDE ION'
5 water water
#
loop_
_entity_poly.entity_id
_entity_poly.type
_entity_poly.pdbx_seq_one_letter_code
_entity_poly.pdbx_strand_id
1 'polypeptide(L)'
;SQAAADRRTVEKTWKLMDKVVRLCQNPKLQLKNSPPYILDILPDTYQHLRLILSKYDDNQKLAQLSENEYFKIYIDSLMK
KSKRAIRLFKEGKERMYEEQSQDRRNLTKLSLIFSHMLAEIKAIFPNGQFQGDNFRITKADAAEFWRKFFGDKTIVPWKV
FRQCLHEVHQISSGLEAMALKSTIDLTCNDYISVFEFDIFTRLFQPWGSILRNWNFLAVTHPGYMAFLTYDEVKARLQKY
STKPGSYIFRLSCTRLGQWAIGYVTGDGNILQTIPHNKPLFQALIDGSREGFYLYPDGRSYNPDLTG
;
A,B,C
2 'polypeptide(L)' DG(PTR)MP E
#
# COMPACT_ATOMS: atom_id res chain seq x y z
N GLN A 2 -28.53 -26.19 12.56
CA GLN A 2 -28.70 -27.34 11.62
C GLN A 2 -29.99 -27.24 10.80
N ALA A 3 -30.94 -26.44 11.29
CA ALA A 3 -32.15 -26.12 10.53
C ALA A 3 -31.99 -24.75 9.90
N ALA A 4 -32.16 -24.68 8.58
CA ALA A 4 -32.01 -23.42 7.85
C ALA A 4 -32.55 -22.25 8.65
N ALA A 5 -31.91 -21.09 8.50
CA ALA A 5 -32.32 -19.91 9.25
C ALA A 5 -33.14 -18.95 8.38
N ASP A 6 -34.28 -19.44 7.89
CA ASP A 6 -35.24 -18.60 7.20
C ASP A 6 -36.14 -17.94 8.23
N ARG A 7 -36.80 -16.84 7.85
CA ARG A 7 -37.69 -16.12 8.76
C ARG A 7 -38.66 -17.06 9.50
N ARG A 8 -39.23 -18.02 8.78
CA ARG A 8 -40.12 -18.99 9.40
C ARG A 8 -39.47 -19.61 10.64
N THR A 9 -38.18 -19.88 10.56
CA THR A 9 -37.46 -20.56 11.63
C THR A 9 -37.03 -19.60 12.73
N VAL A 10 -36.74 -18.35 12.36
CA VAL A 10 -36.37 -17.35 13.33
C VAL A 10 -37.53 -17.05 14.29
N GLU A 11 -38.71 -16.79 13.73
CA GLU A 11 -39.84 -16.38 14.54
C GLU A 11 -40.24 -17.44 15.56
N LYS A 12 -40.11 -18.71 15.19
CA LYS A 12 -40.32 -19.78 16.15
C LYS A 12 -39.30 -19.62 17.28
N THR A 13 -38.18 -19.00 16.94
CA THR A 13 -37.12 -18.75 17.91
C THR A 13 -37.48 -17.55 18.79
N TRP A 14 -38.12 -16.53 18.22
CA TRP A 14 -38.54 -15.38 19.02
C TRP A 14 -39.72 -15.72 19.93
N LYS A 15 -40.64 -16.57 19.47
CA LYS A 15 -41.74 -16.99 20.32
C LYS A 15 -41.18 -17.54 21.63
N LEU A 16 -40.27 -18.49 21.52
CA LEU A 16 -39.61 -19.07 22.68
C LEU A 16 -38.86 -17.99 23.48
N MET A 17 -38.14 -17.12 22.79
CA MET A 17 -37.47 -16.03 23.47
C MET A 17 -38.48 -15.19 24.24
N ASP A 18 -39.53 -14.78 23.54
CA ASP A 18 -40.62 -14.04 24.13
C ASP A 18 -41.12 -14.74 25.37
N LYS A 19 -41.34 -16.05 25.25
CA LYS A 19 -41.81 -16.87 26.34
C LYS A 19 -40.93 -16.68 27.58
N VAL A 20 -39.62 -16.63 27.36
CA VAL A 20 -38.67 -16.46 28.45
C VAL A 20 -38.82 -15.08 29.10
N VAL A 21 -39.12 -14.08 28.29
CA VAL A 21 -39.35 -12.74 28.82
C VAL A 21 -40.59 -12.70 29.71
N ARG A 22 -41.61 -13.48 29.34
CA ARG A 22 -42.84 -13.50 30.12
C ARG A 22 -42.56 -14.06 31.50
N LEU A 23 -41.86 -15.18 31.52
CA LEU A 23 -41.52 -15.84 32.76
C LEU A 23 -40.65 -14.94 33.65
N CYS A 24 -39.72 -14.22 33.03
CA CYS A 24 -38.74 -13.43 33.77
C CYS A 24 -39.22 -12.04 34.22
N GLN A 25 -40.22 -11.50 33.55
CA GLN A 25 -40.68 -10.14 33.88
C GLN A 25 -41.64 -10.12 35.08
N ASN A 26 -41.95 -11.30 35.59
CA ASN A 26 -42.72 -11.41 36.83
C ASN A 26 -41.95 -10.81 38.01
N PRO A 27 -42.46 -9.72 38.58
CA PRO A 27 -41.75 -9.01 39.65
C PRO A 27 -41.62 -9.84 40.94
N LYS A 28 -42.45 -10.86 41.08
CA LYS A 28 -42.33 -11.77 42.21
C LYS A 28 -40.92 -12.35 42.29
N LEU A 29 -40.32 -12.59 41.12
CA LEU A 29 -38.95 -13.12 41.05
C LEU A 29 -37.98 -12.24 41.83
N GLN A 30 -38.33 -10.96 41.96
CA GLN A 30 -37.44 -9.99 42.58
C GLN A 30 -36.05 -10.15 41.96
N LEU A 31 -36.01 -10.12 40.63
CA LEU A 31 -34.76 -10.18 39.91
C LEU A 31 -33.90 -9.00 40.30
N LYS A 32 -32.68 -9.28 40.73
CA LYS A 32 -31.73 -8.22 41.08
C LYS A 32 -31.42 -7.37 39.85
N ASN A 33 -31.46 -6.05 40.02
CA ASN A 33 -31.12 -5.14 38.94
C ASN A 33 -29.62 -4.94 38.82
N SER A 34 -28.99 -5.83 38.06
CA SER A 34 -27.57 -5.75 37.75
C SER A 34 -27.32 -6.64 36.54
N PRO A 35 -26.32 -6.29 35.71
CA PRO A 35 -26.02 -7.12 34.56
C PRO A 35 -25.63 -8.53 34.99
N PRO A 36 -25.99 -9.54 34.21
CA PRO A 36 -26.72 -9.35 32.96
C PRO A 36 -28.22 -9.16 33.16
N TYR A 37 -28.78 -8.12 32.55
CA TYR A 37 -30.22 -7.88 32.60
C TYR A 37 -30.92 -8.65 31.48
N ILE A 38 -31.40 -9.84 31.78
CA ILE A 38 -31.99 -10.69 30.75
C ILE A 38 -33.13 -10.00 30.00
N LEU A 39 -33.90 -9.16 30.70
CA LEU A 39 -35.06 -8.53 30.10
C LEU A 39 -34.66 -7.47 29.07
N ASP A 40 -33.45 -6.96 29.19
CA ASP A 40 -32.91 -6.06 28.18
C ASP A 40 -32.22 -6.85 27.09
N ILE A 41 -31.50 -7.90 27.50
CA ILE A 41 -30.69 -8.69 26.58
C ILE A 41 -31.53 -9.33 25.47
N LEU A 42 -32.60 -10.03 25.84
CA LEU A 42 -33.40 -10.77 24.87
C LEU A 42 -34.00 -9.88 23.77
N PRO A 43 -34.76 -8.86 24.17
CA PRO A 43 -35.26 -7.93 23.16
C PRO A 43 -34.13 -7.31 22.34
N ASP A 44 -33.07 -6.89 23.00
CA ASP A 44 -31.90 -6.34 22.29
C ASP A 44 -31.41 -7.34 21.26
N THR A 45 -31.47 -8.61 21.62
CA THR A 45 -31.06 -9.69 20.72
C THR A 45 -32.01 -9.79 19.53
N TYR A 46 -33.30 -9.62 19.76
CA TYR A 46 -34.26 -9.68 18.65
C TYR A 46 -34.09 -8.49 17.72
N GLN A 47 -33.88 -7.31 18.31
CA GLN A 47 -33.64 -6.10 17.53
C GLN A 47 -32.49 -6.30 16.54
N HIS A 48 -31.40 -6.92 16.99
CA HIS A 48 -30.25 -7.15 16.11
C HIS A 48 -30.52 -8.23 15.07
N LEU A 49 -31.34 -9.21 15.42
CA LEU A 49 -31.74 -10.25 14.49
C LEU A 49 -32.63 -9.66 13.39
N ARG A 50 -33.48 -8.71 13.77
CA ARG A 50 -34.32 -8.02 12.80
C ARG A 50 -33.47 -7.13 11.90
N LEU A 51 -32.53 -6.42 12.51
CA LEU A 51 -31.61 -5.56 11.76
C LEU A 51 -30.89 -6.38 10.70
N ILE A 52 -30.52 -7.62 11.03
CA ILE A 52 -29.86 -8.51 10.09
C ILE A 52 -30.80 -8.88 8.95
N LEU A 53 -32.00 -9.36 9.29
CA LEU A 53 -32.98 -9.76 8.29
C LEU A 53 -33.25 -8.67 7.25
N SER A 54 -33.26 -7.41 7.69
CA SER A 54 -33.54 -6.30 6.78
C SER A 54 -32.35 -6.02 5.88
N LYS A 55 -31.15 -6.33 6.33
CA LYS A 55 -29.97 -6.19 5.48
C LYS A 55 -29.97 -7.22 4.37
N TYR A 56 -30.45 -8.42 4.67
CA TYR A 56 -30.46 -9.51 3.69
C TYR A 56 -31.80 -9.64 2.97
N ASP A 57 -32.76 -8.80 3.35
CA ASP A 57 -33.98 -8.67 2.57
C ASP A 57 -33.77 -7.57 1.53
N ASP A 58 -33.27 -6.42 1.99
CA ASP A 58 -33.04 -5.28 1.12
C ASP A 58 -31.96 -5.56 0.08
N ASN A 59 -31.14 -6.58 0.34
CA ASN A 59 -30.09 -6.98 -0.58
C ASN A 59 -30.49 -8.25 -1.31
N GLN A 60 -31.62 -8.83 -0.91
CA GLN A 60 -32.17 -10.02 -1.57
C GLN A 60 -31.23 -11.21 -1.45
N LYS A 61 -30.51 -11.27 -0.33
CA LYS A 61 -29.59 -12.37 -0.06
C LYS A 61 -30.05 -13.19 1.13
N LEU A 62 -31.37 -13.32 1.29
CA LEU A 62 -31.92 -14.19 2.33
C LEU A 62 -31.43 -15.61 2.10
N ALA A 63 -31.07 -15.91 0.86
CA ALA A 63 -30.55 -17.22 0.50
C ALA A 63 -29.32 -17.55 1.33
N GLN A 64 -28.27 -16.75 1.15
CA GLN A 64 -27.00 -17.01 1.81
C GLN A 64 -27.17 -17.10 3.32
N LEU A 65 -27.80 -16.08 3.89
CA LEU A 65 -28.01 -16.01 5.33
C LEU A 65 -28.53 -17.33 5.86
N SER A 66 -29.58 -17.85 5.22
CA SER A 66 -30.19 -19.11 5.60
C SER A 66 -29.18 -20.25 5.61
N GLU A 67 -28.17 -20.18 4.75
CA GLU A 67 -27.20 -21.26 4.61
C GLU A 67 -25.85 -20.93 5.27
N ASN A 68 -25.76 -19.79 5.94
CA ASN A 68 -24.56 -19.47 6.70
C ASN A 68 -24.53 -20.32 7.96
N GLU A 69 -23.41 -20.99 8.19
CA GLU A 69 -23.32 -22.00 9.24
C GLU A 69 -23.34 -21.41 10.65
N TYR A 70 -22.65 -20.29 10.84
CA TYR A 70 -22.65 -19.65 12.15
C TYR A 70 -24.06 -19.22 12.53
N PHE A 71 -24.76 -18.61 11.57
CA PHE A 71 -26.10 -18.10 11.81
C PHE A 71 -27.07 -19.23 12.09
N LYS A 72 -26.92 -20.34 11.39
CA LYS A 72 -27.78 -21.50 11.61
C LYS A 72 -27.54 -22.04 13.00
N ILE A 73 -26.28 -22.11 13.40
CA ILE A 73 -25.94 -22.56 14.74
C ILE A 73 -26.45 -21.57 15.78
N TYR A 74 -26.25 -20.29 15.52
CA TYR A 74 -26.69 -19.26 16.46
C TYR A 74 -28.17 -19.42 16.81
N ILE A 75 -29.06 -19.33 15.83
CA ILE A 75 -30.48 -19.30 16.15
C ILE A 75 -30.93 -20.65 16.71
N ASP A 76 -30.28 -21.73 16.30
CA ASP A 76 -30.52 -23.03 16.92
C ASP A 76 -30.10 -23.00 18.39
N SER A 77 -29.04 -22.27 18.69
CA SER A 77 -28.60 -22.10 20.07
C SER A 77 -29.67 -21.35 20.86
N LEU A 78 -30.12 -20.23 20.31
CA LEU A 78 -31.15 -19.42 20.95
C LEU A 78 -32.37 -20.28 21.32
N MET A 79 -32.76 -21.14 20.39
CA MET A 79 -33.89 -22.03 20.61
C MET A 79 -33.58 -22.94 21.80
N LYS A 80 -32.42 -23.59 21.73
CA LYS A 80 -31.96 -24.50 22.77
C LYS A 80 -32.07 -23.88 24.16
N LYS A 81 -31.44 -22.72 24.31
CA LYS A 81 -31.36 -22.04 25.59
C LYS A 81 -32.72 -21.49 25.99
N SER A 82 -33.45 -20.98 25.01
CA SER A 82 -34.81 -20.51 25.28
C SER A 82 -35.66 -21.65 25.84
N LYS A 83 -35.69 -22.77 25.13
CA LYS A 83 -36.41 -23.96 25.62
C LYS A 83 -35.92 -24.41 27.00
N ARG A 84 -34.62 -24.26 27.24
CA ARG A 84 -34.01 -24.70 28.49
C ARG A 84 -34.52 -23.86 29.66
N ALA A 85 -34.71 -22.56 29.43
CA ALA A 85 -35.18 -21.66 30.48
C ALA A 85 -36.68 -21.84 30.71
N ILE A 86 -37.42 -22.01 29.62
CA ILE A 86 -38.82 -22.36 29.71
C ILE A 86 -38.95 -23.57 30.63
N ARG A 87 -38.18 -24.62 30.33
CA ARG A 87 -38.19 -25.84 31.14
C ARG A 87 -37.76 -25.58 32.58
N LEU A 88 -36.91 -24.59 32.78
CA LEU A 88 -36.38 -24.28 34.11
C LEU A 88 -37.47 -23.73 35.04
N PHE A 89 -38.32 -22.85 34.52
CA PHE A 89 -39.41 -22.30 35.31
C PHE A 89 -40.47 -23.36 35.58
N LYS A 90 -40.74 -24.18 34.58
CA LYS A 90 -41.77 -25.21 34.66
C LYS A 90 -41.44 -26.27 35.70
N GLU A 91 -40.22 -26.79 35.64
CA GLU A 91 -39.80 -27.82 36.56
C GLU A 91 -39.39 -27.21 37.90
N GLY A 92 -38.98 -25.95 37.88
CA GLY A 92 -38.48 -25.29 39.09
C GLY A 92 -39.59 -24.84 40.02
N LYS A 93 -40.76 -24.55 39.46
CA LYS A 93 -41.87 -24.07 40.26
C LYS A 93 -41.44 -22.95 41.19
N GLU A 94 -41.73 -23.08 42.49
CA GLU A 94 -41.51 -21.98 43.43
C GLU A 94 -40.04 -21.78 43.81
N ARG A 95 -39.17 -22.70 43.38
CA ARG A 95 -37.73 -22.51 43.58
C ARG A 95 -37.26 -21.25 42.87
N MET A 96 -37.98 -20.86 41.81
CA MET A 96 -37.60 -19.71 41.01
C MET A 96 -37.79 -18.40 41.78
N TYR A 97 -38.45 -18.47 42.93
CA TYR A 97 -38.65 -17.29 43.76
C TYR A 97 -37.76 -17.38 44.99
N GLU A 98 -36.92 -18.40 45.03
CA GLU A 98 -35.93 -18.55 46.09
C GLU A 98 -34.54 -18.19 45.56
N GLU A 99 -34.14 -16.95 45.83
CA GLU A 99 -32.85 -16.41 45.39
C GLU A 99 -31.70 -17.42 45.48
N GLN A 100 -31.57 -18.09 46.62
CA GLN A 100 -30.45 -19.00 46.84
C GLN A 100 -30.76 -20.44 46.39
N SER A 101 -31.41 -20.56 45.23
CA SER A 101 -31.81 -21.85 44.68
C SER A 101 -30.98 -22.22 43.45
N GLN A 102 -30.67 -23.51 43.31
CA GLN A 102 -29.91 -23.99 42.16
C GLN A 102 -30.54 -23.56 40.84
N ASP A 103 -31.87 -23.60 40.80
CA ASP A 103 -32.61 -23.21 39.62
C ASP A 103 -32.43 -21.73 39.30
N ARG A 104 -32.39 -20.90 40.33
CA ARG A 104 -32.14 -19.48 40.15
C ARG A 104 -30.70 -19.21 39.76
N ARG A 105 -29.81 -20.13 40.12
CA ARG A 105 -28.42 -20.02 39.71
C ARG A 105 -28.35 -20.31 38.22
N ASN A 106 -29.01 -21.38 37.79
CA ASN A 106 -29.14 -21.68 36.36
C ASN A 106 -29.67 -20.48 35.56
N LEU A 107 -30.64 -19.77 36.15
CA LEU A 107 -31.22 -18.60 35.48
C LEU A 107 -30.16 -17.54 35.27
N THR A 108 -29.39 -17.28 36.32
CA THR A 108 -28.26 -16.37 36.23
C THR A 108 -27.26 -16.83 35.19
N LYS A 109 -27.05 -18.15 35.10
CA LYS A 109 -26.11 -18.69 34.13
C LYS A 109 -26.62 -18.54 32.69
N LEU A 110 -27.91 -18.74 32.49
CA LEU A 110 -28.51 -18.59 31.18
C LEU A 110 -28.51 -17.13 30.76
N SER A 111 -28.72 -16.25 31.73
CA SER A 111 -28.71 -14.82 31.46
C SER A 111 -27.31 -14.40 31.03
N LEU A 112 -26.31 -14.94 31.70
CA LEU A 112 -24.93 -14.74 31.29
C LEU A 112 -24.73 -15.24 29.87
N ILE A 113 -25.18 -16.45 29.59
CA ILE A 113 -25.04 -17.01 28.25
C ILE A 113 -25.71 -16.12 27.22
N PHE A 114 -26.96 -15.74 27.48
CA PHE A 114 -27.69 -14.89 26.54
C PHE A 114 -26.92 -13.59 26.28
N SER A 115 -26.39 -12.98 27.32
CA SER A 115 -25.61 -11.75 27.18
C SER A 115 -24.39 -11.96 26.28
N HIS A 116 -23.72 -13.10 26.42
CA HIS A 116 -22.55 -13.40 25.59
C HIS A 116 -22.95 -13.57 24.13
N MET A 117 -24.09 -14.22 23.92
CA MET A 117 -24.58 -14.43 22.56
C MET A 117 -24.90 -13.09 21.88
N LEU A 118 -25.31 -12.11 22.66
CA LEU A 118 -25.60 -10.80 22.11
C LEU A 118 -24.30 -10.12 21.71
N ALA A 119 -23.31 -10.18 22.59
CA ALA A 119 -22.03 -9.58 22.29
C ALA A 119 -21.42 -10.23 21.05
N GLU A 120 -21.57 -11.55 20.94
CA GLU A 120 -20.99 -12.32 19.83
C GLU A 120 -21.63 -11.98 18.50
N ILE A 121 -22.96 -11.99 18.47
CA ILE A 121 -23.70 -11.71 17.25
C ILE A 121 -23.45 -10.28 16.79
N LYS A 122 -23.30 -9.36 17.74
CA LYS A 122 -23.00 -7.98 17.42
C LYS A 122 -21.60 -7.87 16.82
N ALA A 123 -20.73 -8.78 17.24
CA ALA A 123 -19.35 -8.74 16.80
C ALA A 123 -19.19 -9.33 15.40
N ILE A 124 -19.94 -10.37 15.06
CA ILE A 124 -19.76 -10.97 13.74
C ILE A 124 -20.79 -10.50 12.70
N PHE A 125 -21.88 -9.88 13.16
CA PHE A 125 -22.81 -9.20 12.26
C PHE A 125 -22.87 -7.72 12.63
N PRO A 126 -21.74 -7.02 12.54
CA PRO A 126 -21.80 -5.61 12.88
C PRO A 126 -22.70 -4.88 11.89
N ASN A 127 -23.57 -4.01 12.41
CA ASN A 127 -24.51 -3.27 11.58
C ASN A 127 -25.34 -4.20 10.70
N GLY A 128 -25.59 -5.41 11.17
CA GLY A 128 -26.45 -6.35 10.47
C GLY A 128 -25.82 -7.14 9.34
N GLN A 129 -24.52 -6.96 9.11
CA GLN A 129 -23.84 -7.61 8.00
C GLN A 129 -22.85 -8.65 8.51
N PHE A 130 -22.83 -9.82 7.88
CA PHE A 130 -21.89 -10.86 8.26
C PHE A 130 -20.44 -10.44 8.00
N GLN A 131 -19.63 -10.44 9.06
CA GLN A 131 -18.23 -10.09 8.93
C GLN A 131 -17.36 -11.16 9.57
N GLY A 132 -17.98 -12.29 9.90
CA GLY A 132 -17.28 -13.38 10.56
C GLY A 132 -15.96 -13.72 9.91
N ASP A 133 -15.95 -13.79 8.58
CA ASP A 133 -14.71 -14.10 7.85
C ASP A 133 -13.76 -12.92 7.85
N ASN A 134 -14.19 -11.78 8.38
CA ASN A 134 -13.37 -10.57 8.46
C ASN A 134 -13.02 -10.16 9.87
N PHE A 135 -13.18 -11.08 10.81
CA PHE A 135 -12.97 -10.78 12.21
C PHE A 135 -11.49 -10.85 12.54
N ARG A 136 -10.90 -9.70 12.84
CA ARG A 136 -9.50 -9.62 13.20
C ARG A 136 -9.36 -9.87 14.70
N ILE A 137 -8.55 -10.87 15.04
CA ILE A 137 -8.30 -11.24 16.42
C ILE A 137 -7.28 -10.29 17.07
N THR A 138 -7.46 -10.02 18.35
CA THR A 138 -6.75 -8.94 19.00
C THR A 138 -5.27 -9.27 19.25
N LYS A 139 -4.99 -10.48 19.72
CA LYS A 139 -3.61 -10.91 19.98
C LYS A 139 -2.98 -11.59 18.76
N ALA A 140 -1.82 -11.07 18.33
CA ALA A 140 -1.20 -11.51 17.09
C ALA A 140 -0.88 -13.00 17.08
N ASP A 141 -0.30 -13.49 18.16
CA ASP A 141 0.12 -14.88 18.22
C ASP A 141 -1.09 -15.80 18.27
N ALA A 142 -2.21 -15.30 18.80
CA ALA A 142 -3.45 -16.07 18.84
C ALA A 142 -4.10 -16.06 17.47
N ALA A 143 -4.01 -14.93 16.80
CA ALA A 143 -4.52 -14.78 15.45
C ALA A 143 -3.81 -15.75 14.52
N GLU A 144 -2.52 -15.93 14.76
CA GLU A 144 -1.70 -16.78 13.91
C GLU A 144 -2.25 -18.20 13.99
N PHE A 145 -2.55 -18.63 15.21
CA PHE A 145 -3.05 -19.99 15.42
C PHE A 145 -4.39 -20.21 14.73
N TRP A 146 -5.34 -19.31 14.95
CA TRP A 146 -6.69 -19.52 14.46
C TRP A 146 -6.74 -19.61 12.94
N ARG A 147 -6.02 -18.73 12.28
CA ARG A 147 -6.06 -18.65 10.82
C ARG A 147 -5.30 -19.81 10.19
N LYS A 148 -4.21 -20.23 10.84
CA LYS A 148 -3.47 -21.39 10.38
C LYS A 148 -4.36 -22.63 10.38
N PHE A 149 -5.07 -22.85 11.48
CA PHE A 149 -5.82 -24.08 11.65
C PHE A 149 -7.29 -23.97 11.19
N PHE A 150 -7.83 -22.77 11.11
CA PHE A 150 -9.25 -22.63 10.76
C PHE A 150 -9.51 -21.57 9.68
N GLY A 151 -8.45 -21.01 9.13
CA GLY A 151 -8.60 -20.03 8.05
C GLY A 151 -9.62 -18.95 8.37
N ASP A 152 -10.55 -18.74 7.46
CA ASP A 152 -11.53 -17.67 7.61
C ASP A 152 -12.80 -18.15 8.31
N LYS A 153 -12.81 -19.40 8.75
CA LYS A 153 -13.98 -19.90 9.46
C LYS A 153 -14.30 -18.99 10.66
N THR A 154 -15.58 -18.78 10.92
CA THR A 154 -15.97 -17.96 12.06
C THR A 154 -16.37 -18.84 13.23
N ILE A 155 -16.72 -20.09 12.95
CA ILE A 155 -17.10 -21.01 14.01
C ILE A 155 -16.67 -22.44 13.70
N VAL A 156 -16.34 -23.19 14.75
CA VAL A 156 -15.76 -24.52 14.62
C VAL A 156 -16.13 -25.39 15.82
N PRO A 157 -16.44 -26.68 15.59
CA PRO A 157 -16.85 -27.58 16.65
C PRO A 157 -15.81 -27.70 17.77
N TRP A 158 -16.27 -27.97 18.99
CA TRP A 158 -15.35 -28.10 20.11
C TRP A 158 -14.32 -29.19 19.80
N LYS A 159 -14.79 -30.30 19.26
CA LYS A 159 -13.93 -31.44 19.01
C LYS A 159 -12.70 -31.07 18.19
N VAL A 160 -12.90 -30.28 17.13
CA VAL A 160 -11.78 -29.95 16.26
C VAL A 160 -10.94 -28.82 16.84
N PHE A 161 -11.56 -27.88 17.54
CA PHE A 161 -10.79 -26.83 18.18
C PHE A 161 -9.82 -27.47 19.16
N ARG A 162 -10.29 -28.51 19.84
CA ARG A 162 -9.47 -29.24 20.80
C ARG A 162 -8.32 -29.96 20.10
N GLN A 163 -8.65 -30.75 19.09
CA GLN A 163 -7.63 -31.49 18.36
C GLN A 163 -6.56 -30.57 17.79
N CYS A 164 -6.95 -29.41 17.27
CA CYS A 164 -5.98 -28.50 16.66
C CYS A 164 -5.15 -27.74 17.70
N LEU A 165 -5.79 -27.31 18.78
CA LEU A 165 -5.07 -26.64 19.87
C LEU A 165 -4.03 -27.58 20.46
N HIS A 166 -4.39 -28.86 20.53
CA HIS A 166 -3.52 -29.87 21.11
C HIS A 166 -2.21 -29.99 20.35
N GLU A 167 -2.24 -29.68 19.05
CA GLU A 167 -1.06 -29.77 18.21
C GLU A 167 0.02 -28.78 18.61
N VAL A 168 -0.40 -27.66 19.21
CA VAL A 168 0.51 -26.59 19.55
C VAL A 168 0.65 -26.44 21.06
N HIS A 169 -0.43 -26.73 21.77
CA HIS A 169 -0.44 -26.66 23.23
C HIS A 169 -1.00 -27.95 23.79
N GLN A 170 -0.13 -28.83 24.26
CA GLN A 170 -0.56 -30.15 24.69
C GLN A 170 -1.64 -30.06 25.76
N ILE A 171 -2.78 -30.66 25.47
CA ILE A 171 -3.87 -30.78 26.43
C ILE A 171 -3.73 -32.10 27.15
N SER A 172 -3.34 -32.03 28.42
CA SER A 172 -2.87 -33.19 29.16
C SER A 172 -3.87 -34.34 29.23
N SER A 173 -5.14 -34.03 29.47
CA SER A 173 -6.15 -35.08 29.60
C SER A 173 -7.54 -34.61 29.23
N GLY A 174 -8.46 -35.56 29.14
CA GLY A 174 -9.87 -35.26 28.90
C GLY A 174 -10.47 -34.35 29.97
N LEU A 175 -9.97 -34.44 31.20
CA LEU A 175 -10.52 -33.63 32.28
C LEU A 175 -10.15 -32.16 32.10
N GLU A 176 -8.90 -31.90 31.71
CA GLU A 176 -8.46 -30.54 31.45
C GLU A 176 -9.25 -29.96 30.29
N ALA A 177 -9.52 -30.80 29.30
CA ALA A 177 -10.28 -30.37 28.15
C ALA A 177 -11.66 -29.92 28.60
N MET A 178 -12.26 -30.68 29.51
CA MET A 178 -13.60 -30.39 29.98
C MET A 178 -13.62 -29.01 30.60
N ALA A 179 -12.63 -28.76 31.45
CA ALA A 179 -12.54 -27.49 32.16
C ALA A 179 -12.26 -26.34 31.22
N LEU A 180 -11.39 -26.56 30.24
CA LEU A 180 -11.04 -25.53 29.27
C LEU A 180 -12.25 -25.16 28.44
N LYS A 181 -12.99 -26.18 28.03
CA LYS A 181 -14.23 -25.99 27.29
C LYS A 181 -15.20 -25.09 28.06
N SER A 182 -15.33 -25.33 29.37
CA SER A 182 -16.20 -24.53 30.21
C SER A 182 -15.82 -23.07 30.17
N THR A 183 -14.52 -22.80 30.10
CA THR A 183 -14.04 -21.42 30.12
C THR A 183 -14.25 -20.76 28.77
N ILE A 184 -13.80 -21.42 27.70
CA ILE A 184 -13.76 -20.78 26.40
C ILE A 184 -15.11 -20.82 25.67
N ASP A 185 -15.84 -21.93 25.80
CA ASP A 185 -17.17 -22.06 25.19
C ASP A 185 -18.18 -21.18 25.92
N LEU A 186 -18.06 -19.87 25.74
CA LEU A 186 -18.84 -18.91 26.51
C LEU A 186 -20.34 -19.11 26.37
N THR A 187 -20.78 -19.40 25.15
CA THR A 187 -22.20 -19.47 24.83
C THR A 187 -22.77 -20.84 25.13
N CYS A 188 -21.89 -21.79 25.44
CA CYS A 188 -22.30 -23.10 25.91
C CYS A 188 -23.07 -23.85 24.83
N ASN A 189 -22.54 -23.82 23.61
CA ASN A 189 -23.20 -24.47 22.48
C ASN A 189 -22.33 -25.55 21.84
N ASP A 190 -21.26 -25.94 22.52
CA ASP A 190 -20.37 -27.00 22.03
C ASP A 190 -19.61 -26.63 20.73
N TYR A 191 -19.62 -25.36 20.37
CA TYR A 191 -18.77 -24.86 19.29
C TYR A 191 -17.91 -23.75 19.84
N ILE A 192 -16.80 -23.46 19.18
CA ILE A 192 -15.98 -22.31 19.56
C ILE A 192 -15.94 -21.33 18.40
N SER A 193 -16.41 -20.11 18.63
CA SER A 193 -16.49 -19.11 17.58
C SER A 193 -15.23 -18.27 17.62
N VAL A 194 -14.94 -17.57 16.53
CA VAL A 194 -13.74 -16.76 16.45
C VAL A 194 -13.81 -15.63 17.48
N PHE A 195 -15.02 -15.23 17.83
CA PHE A 195 -15.23 -14.20 18.86
C PHE A 195 -14.86 -14.76 20.22
N GLU A 196 -15.38 -15.94 20.54
CA GLU A 196 -15.09 -16.56 21.81
C GLU A 196 -13.60 -16.74 21.99
N PHE A 197 -12.96 -17.26 20.95
CA PHE A 197 -11.52 -17.44 20.93
C PHE A 197 -10.82 -16.11 21.21
N ASP A 198 -11.28 -15.05 20.57
CA ASP A 198 -10.68 -13.72 20.78
C ASP A 198 -10.76 -13.30 22.25
N ILE A 199 -11.92 -13.49 22.87
CA ILE A 199 -12.11 -13.16 24.28
C ILE A 199 -11.17 -13.97 25.15
N PHE A 200 -11.19 -15.28 24.95
CA PHE A 200 -10.35 -16.18 25.71
C PHE A 200 -8.88 -15.79 25.61
N THR A 201 -8.44 -15.42 24.42
CA THR A 201 -7.01 -15.17 24.21
C THR A 201 -6.56 -13.81 24.74
N ARG A 202 -7.47 -12.85 24.76
CA ARG A 202 -7.18 -11.57 25.39
C ARG A 202 -7.05 -11.75 26.89
N LEU A 203 -7.88 -12.61 27.47
CA LEU A 203 -7.94 -12.79 28.91
C LEU A 203 -6.72 -13.54 29.45
N PHE A 204 -6.28 -14.56 28.72
CA PHE A 204 -5.23 -15.44 29.24
C PHE A 204 -3.93 -15.33 28.47
N GLN A 205 -3.79 -14.28 27.67
CA GLN A 205 -2.54 -13.99 27.01
C GLN A 205 -1.46 -14.07 28.07
N PRO A 206 -0.22 -14.38 27.70
CA PRO A 206 0.18 -14.54 26.29
C PRO A 206 -0.05 -15.92 25.72
N TRP A 207 -0.25 -15.97 24.40
CA TRP A 207 -0.61 -17.18 23.69
C TRP A 207 0.36 -18.34 23.95
N GLY A 208 1.65 -18.06 23.93
CA GLY A 208 2.68 -19.10 23.98
C GLY A 208 2.59 -20.08 25.14
N SER A 209 2.00 -19.64 26.24
CA SER A 209 1.86 -20.48 27.41
C SER A 209 0.43 -20.36 27.92
N ILE A 210 -0.51 -20.28 26.98
CA ILE A 210 -1.86 -19.87 27.33
C ILE A 210 -2.59 -20.87 28.22
N LEU A 211 -2.30 -22.17 28.09
CA LEU A 211 -2.93 -23.15 28.96
C LEU A 211 -2.36 -23.07 30.37
N ARG A 212 -1.05 -22.85 30.46
CA ARG A 212 -0.42 -22.62 31.75
C ARG A 212 -1.04 -21.40 32.42
N ASN A 213 -1.16 -20.31 31.67
CA ASN A 213 -1.74 -19.06 32.17
C ASN A 213 -3.17 -19.27 32.63
N TRP A 214 -3.94 -19.96 31.79
CA TRP A 214 -5.33 -20.25 32.08
C TRP A 214 -5.47 -21.08 33.34
N ASN A 215 -4.55 -22.01 33.54
CA ASN A 215 -4.58 -22.87 34.72
C ASN A 215 -4.29 -22.07 35.97
N PHE A 216 -3.24 -21.26 35.89
CA PHE A 216 -2.82 -20.43 37.02
C PHE A 216 -3.91 -19.45 37.41
N LEU A 217 -4.56 -18.86 36.40
CA LEU A 217 -5.50 -17.77 36.62
C LEU A 217 -6.94 -18.19 36.92
N ALA A 218 -7.44 -19.22 36.23
CA ALA A 218 -8.86 -19.58 36.30
C ALA A 218 -9.16 -20.92 36.96
N VAL A 219 -8.13 -21.74 37.16
CA VAL A 219 -8.36 -23.06 37.76
C VAL A 219 -7.91 -23.12 39.20
N THR A 220 -6.67 -22.74 39.47
CA THR A 220 -6.09 -22.92 40.80
C THR A 220 -6.02 -21.64 41.64
N HIS A 221 -6.50 -20.53 41.11
CA HIS A 221 -6.30 -19.25 41.79
C HIS A 221 -7.46 -18.87 42.70
N PRO A 222 -7.21 -18.81 44.02
CA PRO A 222 -8.24 -18.44 44.99
C PRO A 222 -8.84 -17.08 44.68
N GLY A 223 -8.10 -16.23 43.97
CA GLY A 223 -8.55 -14.87 43.68
C GLY A 223 -9.58 -14.76 42.57
N TYR A 224 -9.68 -15.78 41.74
CA TYR A 224 -10.52 -15.74 40.55
C TYR A 224 -12.01 -15.87 40.87
N MET A 225 -12.74 -14.81 40.57
CA MET A 225 -14.16 -14.72 40.91
C MET A 225 -15.08 -14.93 39.71
N ALA A 226 -14.51 -15.28 38.56
CA ALA A 226 -15.32 -15.41 37.35
C ALA A 226 -16.13 -14.13 37.20
N PHE A 227 -17.38 -14.24 36.76
CA PHE A 227 -18.21 -13.07 36.52
C PHE A 227 -18.81 -12.55 37.81
N LEU A 228 -18.53 -11.28 38.11
CA LEU A 228 -19.13 -10.60 39.24
C LEU A 228 -19.31 -9.14 38.86
N THR A 229 -20.17 -8.44 39.59
CA THR A 229 -20.37 -7.03 39.35
C THR A 229 -19.26 -6.27 40.05
N TYR A 230 -19.17 -4.97 39.79
CA TYR A 230 -18.23 -4.11 40.49
C TYR A 230 -18.54 -4.11 41.99
N ASP A 231 -19.83 -4.16 42.34
CA ASP A 231 -20.27 -4.09 43.73
C ASP A 231 -20.04 -5.39 44.51
N GLU A 232 -20.14 -6.52 43.83
CA GLU A 232 -19.95 -7.81 44.48
C GLU A 232 -18.48 -8.02 44.84
N VAL A 233 -17.59 -7.48 44.02
CA VAL A 233 -16.17 -7.56 44.29
C VAL A 233 -15.84 -6.71 45.52
N LYS A 234 -16.39 -5.51 45.56
CA LYS A 234 -16.15 -4.61 46.68
C LYS A 234 -16.75 -5.16 47.96
N ALA A 235 -17.95 -5.71 47.87
CA ALA A 235 -18.62 -6.27 49.04
C ALA A 235 -17.84 -7.47 49.55
N ARG A 236 -17.28 -8.26 48.64
CA ARG A 236 -16.57 -9.48 49.04
C ARG A 236 -15.21 -9.16 49.66
N LEU A 237 -14.68 -7.98 49.37
CA LEU A 237 -13.37 -7.59 49.90
C LEU A 237 -13.45 -6.87 51.25
N GLN A 238 -14.63 -6.36 51.59
CA GLN A 238 -14.82 -5.60 52.82
C GLN A 238 -14.16 -6.26 54.03
N LYS A 239 -14.37 -7.57 54.19
CA LYS A 239 -13.93 -8.28 55.38
C LYS A 239 -12.41 -8.37 55.51
N TYR A 240 -11.68 -7.87 54.52
CA TYR A 240 -10.22 -7.92 54.56
C TYR A 240 -9.67 -6.51 54.57
N SER A 241 -10.48 -5.55 54.97
CA SER A 241 -10.06 -4.16 55.01
C SER A 241 -8.84 -3.92 55.89
N THR A 242 -8.66 -4.73 56.94
CA THR A 242 -7.50 -4.56 57.82
C THR A 242 -6.27 -5.25 57.25
N LYS A 243 -6.42 -5.88 56.09
CA LYS A 243 -5.34 -6.63 55.50
C LYS A 243 -4.93 -6.05 54.14
N PRO A 244 -4.20 -4.92 54.16
CA PRO A 244 -3.73 -4.34 52.91
C PRO A 244 -3.08 -5.38 52.01
N GLY A 245 -3.34 -5.30 50.71
CA GLY A 245 -2.78 -6.24 49.75
C GLY A 245 -3.72 -7.39 49.45
N SER A 246 -4.90 -7.36 50.05
CA SER A 246 -5.93 -8.35 49.76
C SER A 246 -6.59 -8.02 48.42
N TYR A 247 -6.77 -9.04 47.59
CA TYR A 247 -7.29 -8.82 46.24
C TYR A 247 -8.09 -9.99 45.70
N ILE A 248 -9.02 -9.68 44.80
CA ILE A 248 -9.68 -10.68 43.96
C ILE A 248 -9.79 -10.09 42.55
N PHE A 249 -10.06 -10.92 41.56
CA PHE A 249 -10.26 -10.42 40.20
C PHE A 249 -11.46 -11.09 39.54
N ARG A 250 -12.05 -10.37 38.59
CA ARG A 250 -13.29 -10.83 37.97
C ARG A 250 -13.35 -10.53 36.49
N LEU A 251 -14.27 -11.23 35.82
CA LEU A 251 -14.62 -10.96 34.44
C LEU A 251 -15.82 -10.03 34.43
N SER A 252 -15.93 -9.21 33.39
CA SER A 252 -17.07 -8.32 33.25
C SER A 252 -17.91 -8.77 32.06
N CYS A 253 -19.22 -8.86 32.25
CA CYS A 253 -20.09 -9.33 31.18
C CYS A 253 -20.49 -8.20 30.23
N THR A 254 -20.22 -6.96 30.62
CA THR A 254 -20.46 -5.81 29.75
C THR A 254 -19.22 -5.44 28.94
N ARG A 255 -18.05 -5.85 29.41
CA ARG A 255 -16.82 -5.59 28.70
C ARG A 255 -16.05 -6.91 28.52
N LEU A 256 -16.57 -7.78 27.66
CA LEU A 256 -15.98 -9.09 27.45
C LEU A 256 -14.53 -8.98 27.01
N GLY A 257 -13.69 -9.86 27.55
CA GLY A 257 -12.27 -9.85 27.25
C GLY A 257 -11.45 -8.96 28.17
N GLN A 258 -12.12 -8.28 29.10
CA GLN A 258 -11.43 -7.44 30.08
C GLN A 258 -11.51 -8.01 31.49
N TRP A 259 -10.47 -7.75 32.26
CA TRP A 259 -10.39 -8.15 33.66
C TRP A 259 -10.61 -6.93 34.54
N ALA A 260 -11.03 -7.18 35.77
CA ALA A 260 -11.13 -6.13 36.77
C ALA A 260 -10.57 -6.68 38.08
N ILE A 261 -9.60 -5.95 38.64
CA ILE A 261 -8.98 -6.35 39.90
C ILE A 261 -9.43 -5.42 41.00
N GLY A 262 -9.82 -6.01 42.13
CA GLY A 262 -10.19 -5.25 43.31
C GLY A 262 -9.21 -5.60 44.40
N TYR A 263 -8.70 -4.57 45.07
CA TYR A 263 -7.70 -4.79 46.11
C TYR A 263 -7.84 -3.79 47.26
N VAL A 264 -7.26 -4.14 48.39
CA VAL A 264 -7.33 -3.29 49.57
C VAL A 264 -6.04 -2.49 49.72
N THR A 265 -6.16 -1.18 49.86
CA THR A 265 -4.99 -0.31 49.96
C THR A 265 -4.42 -0.29 51.38
N GLY A 266 -3.24 0.32 51.53
CA GLY A 266 -2.58 0.44 52.82
C GLY A 266 -3.44 1.13 53.87
N ASP A 267 -4.26 2.07 53.44
CA ASP A 267 -5.12 2.78 54.37
C ASP A 267 -6.52 2.18 54.44
N GLY A 268 -6.62 0.88 54.15
CA GLY A 268 -7.86 0.13 54.36
C GLY A 268 -8.96 0.35 53.33
N ASN A 269 -8.67 1.11 52.29
CA ASN A 269 -9.66 1.39 51.25
C ASN A 269 -9.72 0.28 50.20
N ILE A 270 -10.83 0.24 49.47
CA ILE A 270 -11.02 -0.77 48.43
C ILE A 270 -11.15 -0.12 47.07
N LEU A 271 -10.16 -0.36 46.21
CA LEU A 271 -10.16 0.20 44.87
C LEU A 271 -10.35 -0.88 43.83
N GLN A 272 -10.68 -0.47 42.61
CA GLN A 272 -10.74 -1.40 41.49
C GLN A 272 -9.85 -0.91 40.37
N THR A 273 -9.29 -1.85 39.60
CA THR A 273 -8.46 -1.50 38.46
C THR A 273 -8.71 -2.43 37.28
N ILE A 274 -8.82 -1.82 36.10
CA ILE A 274 -9.02 -2.56 34.87
C ILE A 274 -7.76 -2.47 34.01
N PRO A 275 -7.02 -3.58 33.89
CA PRO A 275 -5.82 -3.60 33.04
C PRO A 275 -6.18 -3.40 31.56
N HIS A 276 -5.47 -2.49 30.90
CA HIS A 276 -5.71 -2.26 29.48
C HIS A 276 -4.50 -2.68 28.64
N ASN A 277 -3.37 -2.01 28.87
CA ASN A 277 -2.14 -2.34 28.15
C ASN A 277 -1.60 -3.71 28.55
N LYS A 278 -1.42 -3.91 29.85
CA LYS A 278 -0.82 -5.14 30.37
C LYS A 278 -1.85 -6.27 30.47
N PRO A 279 -1.41 -7.51 30.18
CA PRO A 279 -2.20 -8.72 30.40
C PRO A 279 -2.34 -9.08 31.87
N LEU A 280 -3.47 -9.67 32.26
CA LEU A 280 -3.73 -9.94 33.67
C LEU A 280 -2.59 -10.71 34.32
N PHE A 281 -2.15 -11.76 33.65
CA PHE A 281 -1.11 -12.62 34.19
C PHE A 281 0.11 -11.81 34.62
N GLN A 282 0.51 -10.87 33.79
CA GLN A 282 1.66 -10.01 34.08
C GLN A 282 1.31 -9.03 35.20
N ALA A 283 0.10 -8.48 35.17
CA ALA A 283 -0.35 -7.51 36.16
C ALA A 283 -0.36 -8.07 37.57
N LEU A 284 -0.83 -9.31 37.72
CA LEU A 284 -0.87 -9.95 39.04
C LEU A 284 0.54 -10.19 39.57
N ILE A 285 1.39 -10.77 38.74
CA ILE A 285 2.74 -11.11 39.15
C ILE A 285 3.53 -9.87 39.52
N ASP A 286 3.48 -8.85 38.65
CA ASP A 286 4.13 -7.59 38.94
C ASP A 286 3.61 -7.04 40.26
N GLY A 287 2.30 -7.03 40.40
CA GLY A 287 1.65 -6.43 41.56
C GLY A 287 1.92 -7.16 42.86
N SER A 288 2.14 -8.46 42.78
CA SER A 288 2.49 -9.23 43.96
C SER A 288 3.89 -8.87 44.43
N ARG A 289 4.78 -8.67 43.48
CA ARG A 289 6.15 -8.30 43.78
C ARG A 289 6.21 -6.86 44.29
N GLU A 290 5.34 -6.03 43.71
CA GLU A 290 5.26 -4.61 44.08
C GLU A 290 4.51 -4.41 45.39
N GLY A 291 3.90 -5.46 45.92
CA GLY A 291 3.31 -5.41 47.25
C GLY A 291 1.83 -5.06 47.30
N PHE A 292 1.18 -5.03 46.15
CA PHE A 292 -0.24 -4.70 46.11
C PHE A 292 -1.14 -5.92 46.06
N TYR A 293 -0.68 -6.99 45.43
CA TYR A 293 -1.51 -8.20 45.29
C TYR A 293 -0.89 -9.38 46.03
N LEU A 294 -1.11 -9.45 47.34
CA LEU A 294 -0.45 -10.43 48.19
C LEU A 294 -1.38 -11.56 48.64
N TYR A 295 -2.61 -11.22 48.99
CA TYR A 295 -3.48 -12.19 49.62
C TYR A 295 -4.75 -12.40 48.79
N PRO A 296 -4.75 -13.44 47.94
CA PRO A 296 -5.86 -13.66 47.04
C PRO A 296 -7.11 -14.14 47.78
N ASP A 297 -8.21 -13.41 47.64
CA ASP A 297 -9.40 -13.70 48.43
C ASP A 297 -9.03 -13.85 49.89
N GLY A 298 -8.03 -13.08 50.32
CA GLY A 298 -7.66 -13.00 51.72
C GLY A 298 -6.73 -14.09 52.23
N ARG A 299 -6.46 -15.09 51.41
CA ARG A 299 -5.61 -16.20 51.84
C ARG A 299 -4.18 -15.75 52.10
N SER A 300 -3.46 -16.53 52.91
CA SER A 300 -2.15 -16.13 53.43
C SER A 300 -1.08 -15.96 52.37
N TYR A 301 -1.14 -16.76 51.31
CA TYR A 301 -0.11 -16.73 50.28
C TYR A 301 -0.69 -16.83 48.88
N ASN A 302 -0.07 -16.15 47.92
CA ASN A 302 -0.39 -16.34 46.51
C ASN A 302 -0.02 -17.77 46.09
N PRO A 303 -0.67 -18.28 45.06
CA PRO A 303 -0.34 -19.63 44.57
C PRO A 303 0.98 -19.67 43.81
N ASP A 304 1.63 -20.83 43.80
CA ASP A 304 2.85 -21.03 43.00
C ASP A 304 2.52 -20.97 41.53
N LEU A 305 3.53 -20.75 40.71
CA LEU A 305 3.37 -20.86 39.27
C LEU A 305 3.90 -22.22 38.82
N THR A 306 3.03 -23.01 38.21
CA THR A 306 3.40 -24.31 37.68
C THR A 306 2.88 -24.48 36.25
N ALA B 4 1.34 18.26 10.88
CA ALA B 4 0.05 17.97 11.59
C ALA B 4 -1.12 18.05 10.61
N ALA B 5 -2.34 17.88 11.13
CA ALA B 5 -3.54 17.91 10.30
C ALA B 5 -4.71 18.59 11.03
N ASP B 6 -4.68 19.92 11.07
CA ASP B 6 -5.79 20.69 11.61
C ASP B 6 -6.68 21.17 10.47
N ARG B 7 -7.96 21.37 10.76
CA ARG B 7 -8.94 21.73 9.74
C ARG B 7 -8.37 22.69 8.69
N ARG B 8 -7.48 23.58 9.12
CA ARG B 8 -6.89 24.57 8.23
C ARG B 8 -5.85 23.94 7.28
N THR B 9 -5.13 22.95 7.76
CA THR B 9 -4.17 22.23 6.92
C THR B 9 -4.89 21.36 5.91
N VAL B 10 -6.04 20.83 6.32
CA VAL B 10 -6.90 20.09 5.41
C VAL B 10 -7.53 21.06 4.41
N GLU B 11 -7.88 22.25 4.88
CA GLU B 11 -8.47 23.27 4.04
C GLU B 11 -7.49 23.65 2.93
N LYS B 12 -6.20 23.69 3.27
CA LYS B 12 -5.17 23.98 2.28
C LYS B 12 -5.06 22.84 1.27
N THR B 13 -5.61 21.68 1.62
CA THR B 13 -5.56 20.51 0.75
C THR B 13 -6.71 20.52 -0.26
N TRP B 14 -7.91 20.92 0.15
CA TRP B 14 -9.02 21.01 -0.79
C TRP B 14 -8.76 22.08 -1.85
N LYS B 15 -8.09 23.16 -1.44
CA LYS B 15 -7.75 24.24 -2.35
C LYS B 15 -6.90 23.72 -3.51
N LEU B 16 -5.86 22.98 -3.15
CA LEU B 16 -4.97 22.40 -4.14
C LEU B 16 -5.72 21.37 -5.00
N MET B 17 -6.47 20.51 -4.35
CA MET B 17 -7.28 19.51 -5.06
C MET B 17 -8.23 20.17 -6.04
N ASP B 18 -8.88 21.25 -5.62
CA ASP B 18 -9.80 21.98 -6.48
C ASP B 18 -9.08 22.56 -7.67
N LYS B 19 -7.90 23.13 -7.43
CA LYS B 19 -7.06 23.61 -8.52
C LYS B 19 -6.80 22.49 -9.52
N VAL B 20 -6.59 21.27 -9.02
CA VAL B 20 -6.36 20.14 -9.91
C VAL B 20 -7.63 19.78 -10.69
N VAL B 21 -8.78 19.91 -10.04
CA VAL B 21 -10.04 19.56 -10.67
C VAL B 21 -10.37 20.54 -11.78
N ARG B 22 -10.08 21.82 -11.53
CA ARG B 22 -10.31 22.87 -12.52
C ARG B 22 -9.47 22.59 -13.77
N LEU B 23 -8.20 22.31 -13.55
CA LEU B 23 -7.27 22.06 -14.66
C LEU B 23 -7.68 20.83 -15.48
N CYS B 24 -8.25 19.81 -14.82
CA CYS B 24 -8.62 18.57 -15.51
C CYS B 24 -9.98 18.64 -16.18
N GLN B 25 -10.73 19.70 -15.94
CA GLN B 25 -12.04 19.85 -16.57
C GLN B 25 -11.95 20.47 -17.96
N ASN B 26 -10.93 21.30 -18.16
CA ASN B 26 -10.67 21.88 -19.46
C ASN B 26 -11.01 20.87 -20.55
N PRO B 27 -11.91 21.25 -21.48
CA PRO B 27 -12.38 20.31 -22.49
C PRO B 27 -11.28 19.89 -23.45
N LYS B 28 -10.23 20.71 -23.56
CA LYS B 28 -9.10 20.40 -24.41
C LYS B 28 -8.55 19.01 -24.12
N LEU B 29 -8.67 18.57 -22.86
CA LEU B 29 -8.18 17.26 -22.46
C LEU B 29 -8.96 16.12 -23.09
N GLN B 30 -10.23 16.36 -23.40
CA GLN B 30 -11.10 15.30 -23.87
C GLN B 30 -10.81 14.08 -23.02
N LEU B 31 -10.81 14.30 -21.70
CA LEU B 31 -10.46 13.28 -20.72
C LEU B 31 -11.58 12.24 -20.61
N LYS B 32 -11.21 10.97 -20.69
CA LYS B 32 -12.19 9.88 -20.70
C LYS B 32 -12.68 9.55 -19.30
N ASN B 33 -13.85 8.92 -19.21
CA ASN B 33 -14.56 8.79 -17.94
C ASN B 33 -14.26 7.50 -17.15
N SER B 34 -13.49 6.60 -17.74
CA SER B 34 -13.25 5.29 -17.14
C SER B 34 -12.13 5.32 -16.09
N PRO B 35 -12.31 4.57 -14.99
CA PRO B 35 -11.32 4.50 -13.92
C PRO B 35 -9.91 4.19 -14.43
N PRO B 36 -8.91 4.81 -13.81
CA PRO B 36 -9.14 5.77 -12.74
C PRO B 36 -9.53 7.12 -13.33
N TYR B 37 -10.64 7.67 -12.87
CA TYR B 37 -11.13 8.95 -13.34
C TYR B 37 -10.93 9.98 -12.25
N ILE B 38 -9.92 10.83 -12.44
CA ILE B 38 -9.50 11.78 -11.43
C ILE B 38 -10.61 12.76 -11.05
N LEU B 39 -11.54 13.00 -11.98
CA LEU B 39 -12.65 13.92 -11.70
C LEU B 39 -13.69 13.30 -10.77
N ASP B 40 -13.61 12.00 -10.56
CA ASP B 40 -14.39 11.33 -9.51
C ASP B 40 -13.54 11.16 -8.27
N ILE B 41 -12.30 10.75 -8.49
CA ILE B 41 -11.43 10.33 -7.40
C ILE B 41 -11.19 11.45 -6.40
N LEU B 42 -10.96 12.66 -6.88
CA LEU B 42 -10.64 13.79 -6.01
C LEU B 42 -11.84 14.23 -5.15
N PRO B 43 -12.99 14.52 -5.78
CA PRO B 43 -14.15 14.83 -4.96
C PRO B 43 -14.52 13.70 -3.99
N ASP B 44 -14.46 12.45 -4.45
CA ASP B 44 -14.71 11.32 -3.55
C ASP B 44 -13.73 11.34 -2.39
N THR B 45 -12.49 11.70 -2.67
CA THR B 45 -11.47 11.75 -1.64
C THR B 45 -11.78 12.85 -0.64
N TYR B 46 -12.14 14.02 -1.14
CA TYR B 46 -12.49 15.12 -0.26
C TYR B 46 -13.70 14.76 0.58
N GLN B 47 -14.67 14.11 -0.04
CA GLN B 47 -15.88 13.70 0.65
C GLN B 47 -15.58 12.79 1.84
N HIS B 48 -14.53 12.00 1.74
CA HIS B 48 -14.19 11.08 2.82
C HIS B 48 -13.38 11.80 3.89
N LEU B 49 -12.64 12.82 3.50
CA LEU B 49 -11.93 13.64 4.47
C LEU B 49 -12.93 14.37 5.35
N ARG B 50 -14.04 14.79 4.75
CA ARG B 50 -15.09 15.47 5.48
C ARG B 50 -15.75 14.49 6.44
N LEU B 51 -16.00 13.29 5.97
CA LEU B 51 -16.61 12.25 6.79
C LEU B 51 -15.77 12.08 8.04
N ILE B 52 -14.47 11.86 7.84
CA ILE B 52 -13.54 11.71 8.94
C ILE B 52 -13.60 12.89 9.90
N LEU B 53 -13.42 14.10 9.37
CA LEU B 53 -13.44 15.31 10.18
C LEU B 53 -14.77 15.50 10.91
N SER B 54 -15.84 14.90 10.39
CA SER B 54 -17.14 15.03 11.03
C SER B 54 -17.20 14.13 12.26
N LYS B 55 -16.71 12.90 12.09
CA LYS B 55 -16.67 11.93 13.18
C LYS B 55 -15.79 12.40 14.33
N TYR B 56 -14.63 12.97 13.98
CA TYR B 56 -13.66 13.37 15.00
C TYR B 56 -13.93 14.76 15.51
N ASP B 57 -15.16 15.24 15.31
CA ASP B 57 -15.57 16.51 15.88
C ASP B 57 -16.72 16.27 16.86
N ASP B 58 -17.56 15.28 16.57
CA ASP B 58 -18.67 14.91 17.42
C ASP B 58 -18.19 14.42 18.79
N ASN B 59 -17.16 13.59 18.78
CA ASN B 59 -16.53 13.15 20.02
C ASN B 59 -15.52 14.18 20.47
N GLN B 60 -15.11 15.04 19.53
CA GLN B 60 -14.10 16.05 19.76
C GLN B 60 -12.76 15.41 20.13
N LYS B 61 -12.17 14.70 19.16
CA LYS B 61 -10.86 14.12 19.34
C LYS B 61 -9.95 14.61 18.21
N LEU B 62 -10.13 15.86 17.82
CA LEU B 62 -9.35 16.43 16.70
C LEU B 62 -7.85 16.48 17.01
N ALA B 63 -7.50 16.63 18.27
CA ALA B 63 -6.09 16.65 18.66
C ALA B 63 -5.49 15.27 18.44
N GLN B 64 -6.27 14.24 18.77
CA GLN B 64 -5.85 12.85 18.57
C GLN B 64 -5.70 12.53 17.09
N LEU B 65 -6.65 13.00 16.28
CA LEU B 65 -6.62 12.76 14.85
C LEU B 65 -5.42 13.44 14.19
N SER B 66 -5.23 14.72 14.48
CA SER B 66 -4.15 15.48 13.88
C SER B 66 -2.79 14.93 14.31
N GLU B 67 -2.81 14.01 15.27
CA GLU B 67 -1.59 13.44 15.82
C GLU B 67 -1.42 11.96 15.42
N ASN B 68 -2.33 11.47 14.60
CA ASN B 68 -2.24 10.12 14.04
C ASN B 68 -1.27 10.11 12.86
N GLU B 69 -0.23 9.29 12.94
CA GLU B 69 0.86 9.39 11.98
C GLU B 69 0.42 9.03 10.56
N TYR B 70 -0.39 7.97 10.42
CA TYR B 70 -0.90 7.63 9.10
C TYR B 70 -1.55 8.86 8.48
N PHE B 71 -2.46 9.47 9.24
CA PHE B 71 -3.25 10.59 8.73
C PHE B 71 -2.37 11.79 8.37
N LYS B 72 -1.37 12.05 9.20
CA LYS B 72 -0.42 13.12 8.92
C LYS B 72 0.28 12.87 7.58
N ILE B 73 0.73 11.63 7.38
CA ILE B 73 1.41 11.25 6.14
C ILE B 73 0.47 11.37 4.96
N TYR B 74 -0.75 10.90 5.13
CA TYR B 74 -1.76 10.95 4.08
C TYR B 74 -1.98 12.38 3.63
N ILE B 75 -2.26 13.25 4.59
CA ILE B 75 -2.52 14.66 4.30
C ILE B 75 -1.35 15.28 3.56
N ASP B 76 -0.14 15.01 4.05
CA ASP B 76 1.06 15.51 3.40
C ASP B 76 1.22 14.94 2.00
N SER B 77 1.00 13.63 1.85
CA SER B 77 1.12 12.99 0.53
C SER B 77 0.12 13.61 -0.42
N LEU B 78 -1.10 13.80 0.09
CA LEU B 78 -2.18 14.37 -0.69
C LEU B 78 -1.82 15.79 -1.18
N MET B 79 -1.22 16.60 -0.32
CA MET B 79 -0.80 17.94 -0.73
C MET B 79 0.30 17.89 -1.80
N LYS B 80 1.24 16.96 -1.67
CA LYS B 80 2.37 16.88 -2.61
C LYS B 80 1.97 16.30 -3.96
N LYS B 81 1.14 15.26 -3.93
CA LYS B 81 0.59 14.72 -5.17
C LYS B 81 -0.25 15.79 -5.88
N SER B 82 -1.04 16.51 -5.11
CA SER B 82 -1.81 17.62 -5.66
C SER B 82 -0.86 18.63 -6.27
N LYS B 83 0.14 19.06 -5.49
CA LYS B 83 1.13 20.03 -5.99
C LYS B 83 1.81 19.50 -7.25
N ARG B 84 2.24 18.25 -7.20
CA ARG B 84 2.83 17.62 -8.38
C ARG B 84 1.89 17.74 -9.57
N ALA B 85 0.60 17.51 -9.32
CA ALA B 85 -0.41 17.50 -10.39
C ALA B 85 -0.53 18.87 -11.03
N ILE B 86 -0.52 19.91 -10.20
CA ILE B 86 -0.57 21.27 -10.71
C ILE B 86 0.71 21.53 -11.52
N ARG B 87 1.85 21.28 -10.89
CA ARG B 87 3.13 21.49 -11.56
C ARG B 87 3.09 20.93 -12.97
N LEU B 88 2.50 19.75 -13.12
CA LEU B 88 2.43 19.06 -14.39
C LEU B 88 1.77 19.91 -15.46
N PHE B 89 0.67 20.57 -15.10
CA PHE B 89 -0.08 21.39 -16.06
C PHE B 89 0.66 22.68 -16.41
N LYS B 90 1.41 23.20 -15.44
CA LYS B 90 2.20 24.40 -15.67
C LYS B 90 3.40 24.08 -16.57
N GLU B 91 4.08 22.98 -16.26
CA GLU B 91 5.23 22.55 -17.04
C GLU B 91 4.86 22.10 -18.44
N GLY B 92 3.75 21.39 -18.59
CA GLY B 92 3.41 20.74 -19.85
C GLY B 92 2.58 21.59 -20.81
N LYS B 93 1.64 22.34 -20.24
CA LYS B 93 0.71 23.15 -21.02
C LYS B 93 0.03 22.33 -22.14
N GLU B 94 -0.02 22.89 -23.34
CA GLU B 94 -0.82 22.31 -24.43
C GLU B 94 -0.51 20.85 -24.71
N ARG B 95 0.68 20.40 -24.33
CA ARG B 95 1.03 19.01 -24.54
C ARG B 95 -0.03 18.10 -23.91
N MET B 96 -0.56 18.52 -22.76
CA MET B 96 -1.59 17.77 -22.07
C MET B 96 -2.76 17.46 -23.00
N TYR B 97 -3.06 18.39 -23.90
CA TYR B 97 -4.15 18.20 -24.87
C TYR B 97 -3.77 17.10 -25.86
N GLU B 98 -2.48 16.91 -26.05
CA GLU B 98 -1.96 15.88 -26.93
C GLU B 98 -2.04 14.53 -26.23
N GLU B 99 -3.15 13.82 -26.44
CA GLU B 99 -3.32 12.48 -25.89
C GLU B 99 -2.11 11.63 -26.28
N GLN B 100 -1.56 10.91 -25.31
CA GLN B 100 -0.40 10.06 -25.56
C GLN B 100 0.90 10.87 -25.57
N SER B 101 0.84 12.06 -25.00
CA SER B 101 2.04 12.80 -24.64
C SER B 101 2.59 12.18 -23.37
N GLN B 102 3.89 12.35 -23.13
CA GLN B 102 4.50 11.86 -21.92
C GLN B 102 3.90 12.58 -20.70
N ASP B 103 3.31 13.75 -20.94
CA ASP B 103 2.71 14.53 -19.88
C ASP B 103 1.34 13.97 -19.49
N ARG B 104 0.56 13.59 -20.50
CA ARG B 104 -0.73 12.97 -20.27
C ARG B 104 -0.54 11.61 -19.59
N ARG B 105 0.54 10.93 -19.95
CA ARG B 105 0.88 9.64 -19.37
C ARG B 105 1.17 9.82 -17.88
N ASN B 106 1.88 10.88 -17.53
CA ASN B 106 2.19 11.17 -16.13
C ASN B 106 0.95 11.59 -15.34
N LEU B 107 -0.05 12.12 -16.03
CA LEU B 107 -1.30 12.48 -15.39
C LEU B 107 -2.11 11.23 -15.12
N THR B 108 -1.96 10.23 -15.99
CA THR B 108 -2.61 8.96 -15.80
C THR B 108 -2.03 8.25 -14.58
N LYS B 109 -0.71 8.32 -14.46
CA LYS B 109 -0.03 7.68 -13.34
C LYS B 109 -0.46 8.34 -12.03
N LEU B 110 -0.54 9.66 -12.05
CA LEU B 110 -0.99 10.42 -10.88
C LEU B 110 -2.43 10.05 -10.53
N SER B 111 -3.26 9.87 -11.55
CA SER B 111 -4.63 9.43 -11.33
C SER B 111 -4.65 8.11 -10.57
N LEU B 112 -3.87 7.14 -11.04
CA LEU B 112 -3.82 5.84 -10.41
C LEU B 112 -3.40 5.97 -8.95
N ILE B 113 -2.43 6.83 -8.71
CA ILE B 113 -1.97 7.07 -7.34
C ILE B 113 -3.08 7.62 -6.46
N PHE B 114 -3.85 8.57 -6.99
CA PHE B 114 -4.97 9.14 -6.25
C PHE B 114 -6.02 8.08 -5.95
N SER B 115 -6.34 7.28 -6.96
CA SER B 115 -7.29 6.19 -6.81
C SER B 115 -6.83 5.25 -5.71
N HIS B 116 -5.57 4.86 -5.77
CA HIS B 116 -5.02 3.99 -4.77
C HIS B 116 -5.14 4.62 -3.39
N MET B 117 -4.81 5.90 -3.30
CA MET B 117 -4.93 6.62 -2.03
C MET B 117 -6.38 6.68 -1.57
N LEU B 118 -7.30 6.84 -2.51
CA LEU B 118 -8.72 6.85 -2.14
C LEU B 118 -9.10 5.52 -1.52
N ALA B 119 -8.68 4.43 -2.14
CA ALA B 119 -9.04 3.10 -1.68
C ALA B 119 -8.43 2.85 -0.33
N GLU B 120 -7.23 3.37 -0.12
CA GLU B 120 -6.50 3.18 1.13
C GLU B 120 -7.24 3.87 2.28
N ILE B 121 -7.58 5.15 2.09
CA ILE B 121 -8.23 5.93 3.13
C ILE B 121 -9.57 5.33 3.51
N LYS B 122 -10.29 4.78 2.53
CA LYS B 122 -11.59 4.16 2.78
C LYS B 122 -11.42 2.88 3.60
N ALA B 123 -10.25 2.26 3.48
CA ALA B 123 -9.96 1.04 4.21
C ALA B 123 -9.42 1.35 5.59
N ILE B 124 -8.62 2.41 5.71
CA ILE B 124 -8.03 2.76 7.01
C ILE B 124 -8.99 3.54 7.90
N PHE B 125 -9.79 4.42 7.30
CA PHE B 125 -10.83 5.15 8.02
C PHE B 125 -12.21 4.79 7.52
N PRO B 126 -12.60 3.51 7.63
CA PRO B 126 -13.93 3.11 7.20
C PRO B 126 -15.01 3.87 7.97
N ASN B 127 -15.93 4.50 7.25
CA ASN B 127 -16.96 5.32 7.86
C ASN B 127 -16.40 6.47 8.69
N GLY B 128 -15.19 6.91 8.36
CA GLY B 128 -14.62 8.08 9.02
C GLY B 128 -13.86 7.75 10.29
N GLN B 129 -14.02 6.52 10.77
CA GLN B 129 -13.38 6.09 12.01
C GLN B 129 -12.05 5.39 11.73
N PHE B 130 -10.98 5.84 12.38
CA PHE B 130 -9.68 5.18 12.24
C PHE B 130 -9.74 3.73 12.68
N GLN B 131 -9.23 2.84 11.83
CA GLN B 131 -9.23 1.41 12.13
C GLN B 131 -7.97 0.74 11.59
N GLY B 132 -6.96 1.54 11.27
CA GLY B 132 -5.69 1.02 10.77
C GLY B 132 -5.15 -0.09 11.65
N ASP B 133 -5.35 0.05 12.97
CA ASP B 133 -4.85 -0.95 13.91
C ASP B 133 -5.79 -2.14 14.00
N ASN B 134 -6.85 -2.14 13.21
CA ASN B 134 -7.77 -3.27 13.16
C ASN B 134 -7.99 -3.74 11.73
N PHE B 135 -7.00 -3.50 10.88
CA PHE B 135 -7.05 -3.94 9.50
C PHE B 135 -6.63 -5.39 9.38
N ARG B 136 -7.51 -6.23 8.85
CA ARG B 136 -7.24 -7.66 8.69
C ARG B 136 -6.70 -7.99 7.30
N ILE B 137 -5.44 -8.41 7.24
CA ILE B 137 -4.81 -8.77 5.97
C ILE B 137 -5.41 -10.05 5.40
N THR B 138 -5.74 -10.02 4.12
CA THR B 138 -6.47 -11.11 3.46
C THR B 138 -5.71 -12.46 3.49
N LYS B 139 -4.41 -12.41 3.25
CA LYS B 139 -3.60 -13.62 3.23
C LYS B 139 -2.98 -13.89 4.60
N ALA B 140 -3.27 -15.08 5.14
CA ALA B 140 -2.90 -15.43 6.51
C ALA B 140 -1.39 -15.46 6.71
N ASP B 141 -0.67 -16.06 5.78
CA ASP B 141 0.77 -16.18 5.88
C ASP B 141 1.45 -14.82 5.84
N ALA B 142 0.80 -13.88 5.16
CA ALA B 142 1.28 -12.52 5.11
C ALA B 142 0.87 -11.79 6.39
N ALA B 143 -0.38 -12.00 6.81
CA ALA B 143 -0.85 -11.39 8.03
C ALA B 143 0.12 -11.74 9.15
N GLU B 144 0.56 -12.99 9.20
CA GLU B 144 1.50 -13.44 10.21
C GLU B 144 2.74 -12.56 10.21
N PHE B 145 3.29 -12.29 9.02
CA PHE B 145 4.47 -11.45 8.90
C PHE B 145 4.23 -10.03 9.41
N TRP B 146 3.18 -9.37 8.91
CA TRP B 146 2.97 -7.98 9.27
C TRP B 146 2.83 -7.78 10.76
N ARG B 147 1.98 -8.60 11.39
CA ARG B 147 1.67 -8.43 12.80
C ARG B 147 2.85 -8.82 13.67
N LYS B 148 3.70 -9.71 13.17
CA LYS B 148 4.86 -10.15 13.92
C LYS B 148 5.88 -9.04 14.05
N PHE B 149 6.19 -8.39 12.92
CA PHE B 149 7.24 -7.38 12.91
C PHE B 149 6.75 -5.97 13.18
N PHE B 150 5.50 -5.69 12.88
CA PHE B 150 4.99 -4.34 12.97
C PHE B 150 3.82 -4.20 13.94
N GLY B 151 3.25 -5.33 14.35
CA GLY B 151 2.18 -5.33 15.35
C GLY B 151 0.88 -4.73 14.84
N ASP B 152 0.35 -3.78 15.59
CA ASP B 152 -0.88 -3.08 15.20
C ASP B 152 -0.59 -1.84 14.38
N LYS B 153 0.68 -1.60 14.06
CA LYS B 153 1.06 -0.44 13.25
C LYS B 153 0.33 -0.44 11.91
N THR B 154 0.01 0.75 11.44
CA THR B 154 -0.76 0.94 10.23
C THR B 154 0.15 1.32 9.07
N ILE B 155 1.30 1.91 9.38
CA ILE B 155 2.20 2.37 8.34
C ILE B 155 3.62 2.44 8.85
N VAL B 156 4.58 2.02 8.03
CA VAL B 156 5.99 2.06 8.40
C VAL B 156 6.83 2.65 7.27
N PRO B 157 7.95 3.29 7.60
CA PRO B 157 8.84 3.79 6.55
C PRO B 157 9.35 2.64 5.70
N TRP B 158 9.65 2.91 4.43
CA TRP B 158 10.14 1.87 3.54
C TRP B 158 11.34 1.16 4.14
N LYS B 159 12.34 1.93 4.55
CA LYS B 159 13.56 1.35 5.08
C LYS B 159 13.23 0.32 6.14
N VAL B 160 12.36 0.69 7.07
CA VAL B 160 11.97 -0.21 8.15
C VAL B 160 11.30 -1.47 7.62
N PHE B 161 10.52 -1.31 6.55
CA PHE B 161 9.80 -2.43 6.00
C PHE B 161 10.77 -3.47 5.44
N ARG B 162 11.74 -3.01 4.66
CA ARG B 162 12.65 -3.93 3.99
C ARG B 162 13.64 -4.52 4.99
N GLN B 163 14.01 -3.74 6.00
CA GLN B 163 14.78 -4.24 7.12
C GLN B 163 14.11 -5.51 7.64
N CYS B 164 12.83 -5.38 8.01
CA CYS B 164 12.08 -6.51 8.58
C CYS B 164 11.76 -7.59 7.56
N LEU B 165 11.45 -7.21 6.32
CA LEU B 165 11.22 -8.19 5.29
C LEU B 165 12.46 -9.04 5.11
N HIS B 166 13.62 -8.39 5.17
CA HIS B 166 14.88 -9.07 4.95
C HIS B 166 15.09 -10.21 5.93
N GLU B 167 14.41 -10.15 7.06
CA GLU B 167 14.55 -11.16 8.11
C GLU B 167 13.81 -12.45 7.75
N VAL B 168 13.09 -12.45 6.64
CA VAL B 168 12.32 -13.63 6.24
C VAL B 168 12.61 -14.03 4.81
N HIS B 169 12.72 -13.04 3.92
CA HIS B 169 13.06 -13.30 2.53
C HIS B 169 14.39 -12.64 2.18
N GLN B 170 15.16 -13.31 1.34
CA GLN B 170 16.45 -12.77 0.88
C GLN B 170 16.22 -11.53 0.02
N ILE B 171 16.63 -10.36 0.53
CA ILE B 171 16.66 -9.14 -0.29
C ILE B 171 17.99 -8.41 -0.11
N SER B 172 19.08 -9.10 -0.44
CA SER B 172 20.41 -8.52 -0.36
C SER B 172 20.56 -7.46 -1.43
N SER B 173 20.16 -7.79 -2.65
CA SER B 173 20.27 -6.90 -3.80
C SER B 173 19.43 -5.62 -3.60
N GLY B 174 20.10 -4.48 -3.56
CA GLY B 174 19.42 -3.19 -3.49
C GLY B 174 18.75 -2.89 -4.81
N LEU B 175 19.34 -3.41 -5.88
CA LEU B 175 18.73 -3.33 -7.19
C LEU B 175 17.31 -3.89 -7.10
N GLU B 176 17.21 -5.09 -6.54
CA GLU B 176 15.91 -5.73 -6.33
C GLU B 176 15.06 -4.91 -5.38
N ALA B 177 15.68 -4.48 -4.28
CA ALA B 177 14.96 -3.77 -3.22
C ALA B 177 14.22 -2.56 -3.77
N MET B 178 14.86 -1.82 -4.66
CA MET B 178 14.28 -0.62 -5.22
C MET B 178 13.17 -0.95 -6.22
N ALA B 179 13.39 -1.99 -7.01
CA ALA B 179 12.36 -2.43 -7.95
C ALA B 179 11.13 -2.88 -7.19
N LEU B 180 11.36 -3.57 -6.07
CA LEU B 180 10.28 -4.04 -5.23
C LEU B 180 9.48 -2.86 -4.68
N LYS B 181 10.20 -1.93 -4.08
CA LYS B 181 9.61 -0.71 -3.52
C LYS B 181 8.64 -0.06 -4.51
N SER B 182 9.01 -0.01 -5.79
CA SER B 182 8.17 0.67 -6.77
C SER B 182 6.91 -0.14 -7.08
N THR B 183 6.90 -1.41 -6.68
CA THR B 183 5.69 -2.23 -6.83
C THR B 183 4.82 -2.15 -5.57
N ILE B 184 5.44 -2.29 -4.40
CA ILE B 184 4.68 -2.28 -3.14
C ILE B 184 4.14 -0.89 -2.80
N ASP B 185 4.95 0.13 -3.03
CA ASP B 185 4.57 1.51 -2.71
C ASP B 185 3.58 2.07 -3.73
N LEU B 186 2.36 1.56 -3.69
CA LEU B 186 1.31 2.00 -4.61
C LEU B 186 0.96 3.47 -4.47
N THR B 187 1.18 4.04 -3.29
CA THR B 187 0.86 5.44 -3.06
C THR B 187 2.05 6.36 -3.35
N CYS B 188 3.18 5.75 -3.69
CA CYS B 188 4.42 6.50 -3.96
C CYS B 188 4.72 7.55 -2.89
N ASN B 189 4.75 7.14 -1.63
CA ASN B 189 5.02 8.08 -0.54
C ASN B 189 6.18 7.63 0.36
N ASP B 190 6.94 6.66 -0.12
CA ASP B 190 8.10 6.14 0.60
C ASP B 190 7.76 5.43 1.91
N TYR B 191 6.46 5.24 2.17
CA TYR B 191 6.02 4.42 3.30
C TYR B 191 5.25 3.21 2.77
N ILE B 192 5.03 2.22 3.62
CA ILE B 192 4.20 1.09 3.25
C ILE B 192 3.07 0.92 4.26
N SER B 193 1.83 1.09 3.82
CA SER B 193 0.70 0.94 4.72
C SER B 193 0.34 -0.54 4.79
N VAL B 194 -0.34 -0.93 5.86
CA VAL B 194 -0.79 -2.30 5.99
C VAL B 194 -1.73 -2.61 4.83
N PHE B 195 -2.37 -1.58 4.29
CA PHE B 195 -3.27 -1.75 3.15
C PHE B 195 -2.50 -2.10 1.89
N GLU B 196 -1.44 -1.34 1.64
CA GLU B 196 -0.57 -1.59 0.50
C GLU B 196 0.04 -2.99 0.58
N PHE B 197 0.38 -3.40 1.80
CA PHE B 197 0.97 -4.71 2.01
C PHE B 197 -0.03 -5.79 1.69
N ASP B 198 -1.28 -5.56 2.10
CA ASP B 198 -2.36 -6.48 1.80
C ASP B 198 -2.56 -6.60 0.29
N ILE B 199 -2.50 -5.46 -0.39
CA ILE B 199 -2.68 -5.42 -1.84
C ILE B 199 -1.57 -6.23 -2.51
N PHE B 200 -0.34 -5.95 -2.12
CA PHE B 200 0.82 -6.60 -2.72
C PHE B 200 0.80 -8.11 -2.51
N THR B 201 0.42 -8.55 -1.31
CA THR B 201 0.47 -9.96 -0.98
C THR B 201 -0.63 -10.76 -1.66
N ARG B 202 -1.76 -10.13 -1.93
CA ARG B 202 -2.82 -10.79 -2.70
C ARG B 202 -2.36 -10.93 -4.15
N LEU B 203 -1.79 -9.85 -4.68
CA LEU B 203 -1.33 -9.83 -6.06
C LEU B 203 -0.28 -10.91 -6.32
N PHE B 204 0.66 -11.07 -5.38
CA PHE B 204 1.80 -11.94 -5.64
C PHE B 204 1.86 -13.21 -4.79
N GLN B 205 0.74 -13.58 -4.19
CA GLN B 205 0.64 -14.86 -3.50
C GLN B 205 1.13 -16.02 -4.39
N PRO B 206 1.59 -17.11 -3.79
CA PRO B 206 1.54 -17.31 -2.34
C PRO B 206 2.73 -16.72 -1.60
N TRP B 207 2.57 -16.51 -0.31
CA TRP B 207 3.55 -15.80 0.49
C TRP B 207 4.91 -16.51 0.59
N GLY B 208 4.87 -17.84 0.64
CA GLY B 208 6.09 -18.64 0.78
C GLY B 208 7.14 -18.39 -0.31
N SER B 209 6.68 -18.06 -1.51
CA SER B 209 7.56 -17.83 -2.63
C SER B 209 7.32 -16.44 -3.23
N ILE B 210 6.92 -15.51 -2.38
CA ILE B 210 6.42 -14.21 -2.85
C ILE B 210 7.44 -13.46 -3.72
N LEU B 211 8.70 -13.44 -3.31
CA LEU B 211 9.71 -12.71 -4.08
C LEU B 211 9.97 -13.40 -5.41
N ARG B 212 10.03 -14.72 -5.39
CA ARG B 212 10.18 -15.48 -6.63
C ARG B 212 8.99 -15.14 -7.52
N ASN B 213 7.81 -15.14 -6.93
CA ASN B 213 6.59 -14.80 -7.67
C ASN B 213 6.65 -13.38 -8.23
N TRP B 214 7.00 -12.41 -7.39
CA TRP B 214 7.14 -11.03 -7.82
C TRP B 214 8.18 -10.85 -8.95
N ASN B 215 9.34 -11.48 -8.82
CA ASN B 215 10.34 -11.45 -9.89
C ASN B 215 9.81 -12.01 -11.19
N PHE B 216 9.13 -13.14 -11.12
CA PHE B 216 8.61 -13.77 -12.31
C PHE B 216 7.51 -12.93 -12.96
N LEU B 217 6.51 -12.54 -12.17
CA LEU B 217 5.31 -11.90 -12.71
C LEU B 217 5.48 -10.42 -13.05
N ALA B 218 6.39 -9.73 -12.36
CA ALA B 218 6.44 -8.27 -12.45
C ALA B 218 7.79 -7.73 -12.92
N VAL B 219 8.81 -8.57 -12.97
CA VAL B 219 10.11 -8.09 -13.37
C VAL B 219 10.55 -8.73 -14.68
N THR B 220 10.34 -10.04 -14.79
CA THR B 220 10.89 -10.80 -15.90
C THR B 220 9.85 -11.10 -16.97
N HIS B 221 8.57 -10.99 -16.61
CA HIS B 221 7.47 -11.33 -17.52
C HIS B 221 7.06 -10.10 -18.33
N PRO B 222 7.18 -10.19 -19.66
CA PRO B 222 6.93 -9.06 -20.56
C PRO B 222 5.46 -8.66 -20.66
N GLY B 223 4.56 -9.50 -20.18
CA GLY B 223 3.13 -9.17 -20.17
C GLY B 223 2.77 -8.12 -19.14
N TYR B 224 3.56 -8.03 -18.08
CA TYR B 224 3.25 -7.10 -16.99
C TYR B 224 3.42 -5.65 -17.43
N MET B 225 2.36 -4.88 -17.24
CA MET B 225 2.36 -3.45 -17.59
C MET B 225 2.19 -2.62 -16.32
N ALA B 226 3.27 -1.95 -15.91
CA ALA B 226 3.25 -1.20 -14.66
C ALA B 226 2.32 0.00 -14.75
N PHE B 227 1.62 0.28 -13.65
CA PHE B 227 0.77 1.47 -13.55
C PHE B 227 0.06 1.79 -14.87
N LEU B 228 -0.64 0.80 -15.42
CA LEU B 228 -1.37 0.98 -16.67
C LEU B 228 -2.87 0.82 -16.43
N THR B 229 -3.69 1.53 -17.22
CA THR B 229 -5.14 1.55 -17.00
C THR B 229 -5.91 0.76 -18.05
N TYR B 230 -7.17 0.50 -17.74
CA TYR B 230 -8.08 -0.22 -18.64
C TYR B 230 -8.02 0.27 -20.07
N ASP B 231 -8.33 1.55 -20.26
CA ASP B 231 -8.35 2.13 -21.60
C ASP B 231 -6.99 2.00 -22.26
N GLU B 232 -5.94 2.10 -21.46
CA GLU B 232 -4.59 1.99 -22.00
C GLU B 232 -4.34 0.60 -22.58
N VAL B 233 -4.72 -0.45 -21.85
CA VAL B 233 -4.46 -1.79 -22.36
C VAL B 233 -5.27 -2.03 -23.63
N LYS B 234 -6.49 -1.51 -23.65
CA LYS B 234 -7.33 -1.62 -24.84
C LYS B 234 -6.62 -1.03 -26.05
N ALA B 235 -6.07 0.16 -25.87
CA ALA B 235 -5.34 0.84 -26.93
C ALA B 235 -4.16 0.01 -27.38
N ARG B 236 -3.35 -0.44 -26.42
CA ARG B 236 -2.10 -1.13 -26.71
C ARG B 236 -2.32 -2.48 -27.40
N LEU B 237 -3.33 -3.22 -26.96
CA LEU B 237 -3.60 -4.55 -27.52
C LEU B 237 -4.26 -4.47 -28.90
N GLN B 238 -4.72 -3.29 -29.29
CA GLN B 238 -5.36 -3.14 -30.58
C GLN B 238 -4.37 -3.45 -31.70
N LYS B 239 -3.12 -3.06 -31.51
CA LYS B 239 -2.11 -3.30 -32.54
C LYS B 239 -1.84 -4.79 -32.74
N TYR B 240 -2.23 -5.62 -31.77
CA TYR B 240 -2.10 -7.07 -31.92
C TYR B 240 -3.47 -7.74 -32.09
N SER B 241 -4.49 -6.95 -32.42
CA SER B 241 -5.86 -7.46 -32.55
C SER B 241 -5.93 -8.55 -33.62
N THR B 242 -4.88 -8.66 -34.41
CA THR B 242 -4.81 -9.62 -35.50
C THR B 242 -4.06 -10.89 -35.10
N LYS B 243 -3.79 -11.04 -33.81
CA LYS B 243 -3.08 -12.22 -33.32
C LYS B 243 -3.68 -12.73 -32.01
N PRO B 244 -4.67 -13.63 -32.13
CA PRO B 244 -5.31 -14.26 -30.97
C PRO B 244 -4.30 -14.82 -29.98
N GLY B 245 -4.52 -14.55 -28.70
CA GLY B 245 -3.65 -15.07 -27.65
C GLY B 245 -2.68 -14.02 -27.15
N SER B 246 -2.54 -12.92 -27.88
CA SER B 246 -1.77 -11.79 -27.37
C SER B 246 -2.43 -11.32 -26.08
N TYR B 247 -1.63 -11.06 -25.05
CA TYR B 247 -2.20 -10.63 -23.78
C TYR B 247 -1.21 -9.79 -23.00
N ILE B 248 -1.75 -8.99 -22.09
CA ILE B 248 -0.97 -8.26 -21.10
C ILE B 248 -1.80 -8.17 -19.83
N PHE B 249 -1.13 -8.03 -18.69
CA PHE B 249 -1.85 -7.95 -17.43
C PHE B 249 -1.35 -6.81 -16.54
N ARG B 250 -2.17 -6.45 -15.55
CA ARG B 250 -1.89 -5.31 -14.71
C ARG B 250 -2.82 -5.34 -13.52
N LEU B 251 -2.51 -4.50 -12.53
CA LEU B 251 -3.40 -4.27 -11.41
C LEU B 251 -4.74 -3.69 -11.87
N SER B 252 -5.83 -4.31 -11.42
CA SER B 252 -7.13 -3.70 -11.54
C SER B 252 -7.18 -2.56 -10.53
N CYS B 253 -7.78 -1.44 -10.92
CA CYS B 253 -7.84 -0.31 -9.99
C CYS B 253 -9.18 -0.24 -9.28
N THR B 254 -10.23 -0.81 -9.86
CA THR B 254 -11.54 -0.84 -9.22
C THR B 254 -11.66 -2.04 -8.29
N ARG B 255 -10.84 -3.07 -8.51
CA ARG B 255 -10.80 -4.22 -7.63
C ARG B 255 -9.38 -4.43 -7.14
N LEU B 256 -8.97 -3.54 -6.25
CA LEU B 256 -7.59 -3.43 -5.84
C LEU B 256 -7.15 -4.67 -5.09
N GLY B 257 -6.06 -5.28 -5.56
CA GLY B 257 -5.55 -6.51 -4.99
C GLY B 257 -5.75 -7.66 -5.95
N GLN B 258 -6.39 -7.38 -7.07
CA GLN B 258 -6.68 -8.40 -8.06
C GLN B 258 -6.14 -7.97 -9.41
N TRP B 259 -5.99 -8.93 -10.31
CA TRP B 259 -5.33 -8.71 -11.60
C TRP B 259 -6.34 -8.50 -12.72
N ALA B 260 -6.00 -7.59 -13.64
CA ALA B 260 -6.80 -7.41 -14.84
C ALA B 260 -5.99 -7.89 -16.03
N ILE B 261 -6.52 -8.88 -16.75
CA ILE B 261 -5.83 -9.47 -17.89
C ILE B 261 -6.56 -9.11 -19.17
N GLY B 262 -5.87 -8.44 -20.09
CA GLY B 262 -6.43 -8.13 -21.40
C GLY B 262 -5.87 -9.05 -22.46
N TYR B 263 -6.71 -9.53 -23.36
CA TYR B 263 -6.26 -10.46 -24.39
C TYR B 263 -7.11 -10.38 -25.66
N VAL B 264 -6.52 -10.89 -26.74
CA VAL B 264 -7.17 -10.89 -28.03
C VAL B 264 -7.81 -12.26 -28.26
N THR B 265 -9.11 -12.26 -28.51
CA THR B 265 -9.85 -13.50 -28.71
C THR B 265 -9.60 -14.04 -30.11
N GLY B 266 -10.10 -15.24 -30.36
CA GLY B 266 -10.00 -15.86 -31.68
C GLY B 266 -10.80 -15.08 -32.71
N ASP B 267 -11.71 -14.22 -32.23
CA ASP B 267 -12.56 -13.41 -33.12
C ASP B 267 -11.98 -12.01 -33.37
N GLY B 268 -10.77 -11.75 -32.86
CA GLY B 268 -10.11 -10.47 -33.07
C GLY B 268 -10.46 -9.38 -32.06
N ASN B 269 -11.37 -9.69 -31.14
CA ASN B 269 -11.77 -8.72 -30.13
C ASN B 269 -10.78 -8.64 -28.98
N ILE B 270 -10.87 -7.55 -28.22
CA ILE B 270 -10.07 -7.38 -27.01
C ILE B 270 -10.96 -7.49 -25.79
N LEU B 271 -10.58 -8.35 -24.84
CA LEU B 271 -11.34 -8.51 -23.62
C LEU B 271 -10.44 -8.39 -22.41
N GLN B 272 -11.00 -7.91 -21.30
CA GLN B 272 -10.29 -7.87 -20.04
C GLN B 272 -11.08 -8.63 -19.00
N THR B 273 -10.38 -9.37 -18.16
CA THR B 273 -11.02 -10.27 -17.21
C THR B 273 -10.27 -10.22 -15.89
N ILE B 274 -10.97 -10.52 -14.81
CA ILE B 274 -10.33 -10.62 -13.50
C ILE B 274 -10.49 -12.03 -12.96
N PRO B 275 -9.36 -12.70 -12.67
CA PRO B 275 -9.35 -14.08 -12.20
C PRO B 275 -10.15 -14.29 -10.93
N HIS B 276 -11.04 -15.29 -10.96
CA HIS B 276 -11.95 -15.58 -9.86
C HIS B 276 -11.32 -16.58 -8.87
N ASN B 277 -10.78 -16.06 -7.77
CA ASN B 277 -10.22 -16.91 -6.72
C ASN B 277 -9.10 -17.82 -7.21
N LYS B 278 -8.04 -17.21 -7.75
CA LYS B 278 -6.91 -17.98 -8.26
C LYS B 278 -5.68 -17.08 -8.40
N PRO B 279 -4.50 -17.57 -7.98
CA PRO B 279 -3.28 -16.82 -8.24
C PRO B 279 -3.07 -16.61 -9.74
N LEU B 280 -2.38 -15.53 -10.10
CA LEU B 280 -2.22 -15.14 -11.50
C LEU B 280 -1.58 -16.25 -12.34
N PHE B 281 -0.49 -16.83 -11.84
CA PHE B 281 0.21 -17.88 -12.55
C PHE B 281 -0.74 -18.98 -13.01
N GLN B 282 -1.49 -19.54 -12.07
CA GLN B 282 -2.45 -20.58 -12.41
C GLN B 282 -3.43 -20.08 -13.47
N ALA B 283 -3.92 -18.86 -13.31
CA ALA B 283 -4.90 -18.31 -14.25
C ALA B 283 -4.35 -18.22 -15.68
N LEU B 284 -3.12 -17.75 -15.81
CA LEU B 284 -2.47 -17.61 -17.11
C LEU B 284 -2.27 -18.97 -17.79
N ILE B 285 -1.71 -19.92 -17.05
CA ILE B 285 -1.53 -21.27 -17.55
C ILE B 285 -2.86 -21.83 -18.06
N ASP B 286 -3.90 -21.72 -17.26
CA ASP B 286 -5.22 -22.19 -17.64
C ASP B 286 -5.68 -21.51 -18.92
N GLY B 287 -5.57 -20.19 -18.96
CA GLY B 287 -5.98 -19.41 -20.12
C GLY B 287 -5.10 -19.67 -21.34
N SER B 288 -3.83 -19.99 -21.09
CA SER B 288 -2.91 -20.34 -22.17
C SER B 288 -3.45 -21.56 -22.90
N ARG B 289 -3.92 -22.53 -22.12
CA ARG B 289 -4.49 -23.75 -22.67
C ARG B 289 -5.80 -23.52 -23.42
N GLU B 290 -6.56 -22.51 -23.00
CA GLU B 290 -7.77 -22.16 -23.72
C GLU B 290 -7.44 -21.43 -25.02
N GLY B 291 -6.20 -20.93 -25.11
CA GLY B 291 -5.78 -20.16 -26.28
C GLY B 291 -5.87 -18.66 -26.05
N PHE B 292 -6.21 -18.26 -24.83
CA PHE B 292 -6.35 -16.84 -24.50
C PHE B 292 -4.99 -16.19 -24.27
N TYR B 293 -4.12 -16.84 -23.50
CA TYR B 293 -2.86 -16.25 -23.07
C TYR B 293 -1.64 -16.95 -23.67
N LEU B 294 -1.28 -16.58 -24.90
CA LEU B 294 -0.22 -17.26 -25.64
C LEU B 294 1.01 -16.39 -25.87
N TYR B 295 0.78 -15.11 -26.17
CA TYR B 295 1.88 -14.20 -26.50
C TYR B 295 1.83 -12.91 -25.69
N PRO B 296 2.67 -12.84 -24.64
CA PRO B 296 2.84 -11.64 -23.83
C PRO B 296 3.22 -10.43 -24.66
N ASP B 297 2.42 -9.37 -24.58
CA ASP B 297 2.70 -8.12 -25.28
C ASP B 297 2.99 -8.41 -26.75
N GLY B 298 2.26 -9.37 -27.32
CA GLY B 298 2.36 -9.65 -28.74
C GLY B 298 3.47 -10.59 -29.16
N ARG B 299 4.55 -10.63 -28.37
CA ARG B 299 5.71 -11.45 -28.72
C ARG B 299 5.66 -12.79 -28.01
N SER B 300 6.57 -13.69 -28.38
CA SER B 300 6.65 -15.01 -27.78
C SER B 300 7.48 -14.97 -26.50
N TYR B 301 7.31 -15.97 -25.65
CA TYR B 301 8.01 -15.98 -24.37
C TYR B 301 8.20 -17.40 -23.85
N ASN B 302 9.46 -17.79 -23.70
CA ASN B 302 9.79 -19.14 -23.24
C ASN B 302 10.78 -19.09 -22.09
N PRO B 303 10.27 -18.92 -20.86
CA PRO B 303 11.06 -18.83 -19.64
C PRO B 303 11.57 -20.17 -19.15
N ASP B 304 11.03 -21.25 -19.69
CA ASP B 304 11.46 -22.60 -19.34
C ASP B 304 12.82 -22.94 -19.92
N LEU B 305 13.24 -22.16 -20.93
CA LEU B 305 14.50 -22.42 -21.63
C LEU B 305 15.64 -21.57 -21.10
N ASP C 6 29.53 -12.88 -21.72
CA ASP C 6 28.28 -12.36 -22.34
C ASP C 6 27.22 -12.12 -21.27
N ARG C 7 26.57 -13.19 -20.83
CA ARG C 7 25.59 -13.11 -19.74
C ARG C 7 26.33 -12.96 -18.42
N ARG C 8 27.59 -13.40 -18.39
CA ARG C 8 28.44 -13.22 -17.23
C ARG C 8 28.80 -11.73 -17.11
N THR C 9 29.38 -11.18 -18.18
CA THR C 9 29.75 -9.77 -18.21
C THR C 9 28.60 -8.89 -17.75
N VAL C 10 27.40 -9.16 -18.25
CA VAL C 10 26.21 -8.41 -17.85
C VAL C 10 25.94 -8.52 -16.35
N GLU C 11 25.89 -9.76 -15.86
CA GLU C 11 25.65 -9.99 -14.44
C GLU C 11 26.68 -9.25 -13.57
N LYS C 12 27.89 -9.12 -14.09
CA LYS C 12 28.93 -8.34 -13.39
C LYS C 12 28.52 -6.88 -13.35
N THR C 13 28.03 -6.39 -14.49
CA THR C 13 27.52 -5.04 -14.58
C THR C 13 26.48 -4.82 -13.49
N TRP C 14 25.48 -5.70 -13.46
CA TRP C 14 24.45 -5.63 -12.43
C TRP C 14 25.10 -5.60 -11.05
N LYS C 15 26.09 -6.47 -10.87
CA LYS C 15 26.75 -6.59 -9.57
C LYS C 15 27.35 -5.26 -9.15
N LEU C 16 27.99 -4.59 -10.10
CA LEU C 16 28.57 -3.27 -9.84
C LEU C 16 27.47 -2.25 -9.59
N MET C 17 26.46 -2.24 -10.46
CA MET C 17 25.35 -1.31 -10.33
C MET C 17 24.74 -1.39 -8.93
N ASP C 18 24.65 -2.62 -8.42
CA ASP C 18 24.04 -2.86 -7.11
C ASP C 18 24.89 -2.31 -5.99
N LYS C 19 26.20 -2.26 -6.21
CA LYS C 19 27.11 -1.72 -5.21
C LYS C 19 26.83 -0.22 -5.08
N VAL C 20 26.51 0.42 -6.20
CA VAL C 20 26.22 1.85 -6.22
C VAL C 20 24.91 2.16 -5.52
N VAL C 21 23.88 1.38 -5.84
CA VAL C 21 22.57 1.55 -5.23
C VAL C 21 22.71 1.39 -3.73
N ARG C 22 23.47 0.39 -3.31
CA ARG C 22 23.67 0.12 -1.91
C ARG C 22 24.42 1.29 -1.27
N LEU C 23 25.50 1.72 -1.92
CA LEU C 23 26.27 2.88 -1.48
C LEU C 23 25.37 4.12 -1.41
N CYS C 24 24.53 4.29 -2.43
CA CYS C 24 23.66 5.45 -2.53
C CYS C 24 22.48 5.39 -1.54
N GLN C 25 22.25 4.21 -0.97
CA GLN C 25 21.21 4.06 0.05
C GLN C 25 21.71 4.46 1.43
N ASN C 26 22.97 4.90 1.50
CA ASN C 26 23.56 5.29 2.78
C ASN C 26 22.81 6.46 3.40
N PRO C 27 22.22 6.24 4.58
CA PRO C 27 21.45 7.26 5.30
C PRO C 27 22.17 8.62 5.38
N LYS C 28 23.36 8.63 5.97
CA LYS C 28 24.12 9.87 6.17
C LYS C 28 24.13 10.80 4.94
N LEU C 29 23.84 10.25 3.77
CA LEU C 29 23.85 11.03 2.52
C LEU C 29 22.69 12.03 2.42
N GLN C 30 21.58 11.72 3.08
CA GLN C 30 20.39 12.56 3.00
C GLN C 30 20.10 12.95 1.55
N LEU C 31 20.07 11.96 0.67
CA LEU C 31 19.88 12.22 -0.75
C LEU C 31 18.56 12.90 -1.08
N LYS C 32 18.61 13.85 -2.00
CA LYS C 32 17.40 14.50 -2.49
C LYS C 32 16.68 13.55 -3.45
N ASN C 33 15.36 13.70 -3.55
CA ASN C 33 14.54 12.80 -4.36
C ASN C 33 14.29 13.36 -5.75
N SER C 34 14.69 14.60 -5.98
CA SER C 34 14.53 15.24 -7.27
C SER C 34 15.40 14.52 -8.29
N PRO C 35 15.01 14.62 -9.58
CA PRO C 35 15.81 14.02 -10.66
C PRO C 35 17.07 14.83 -11.00
N PRO C 36 18.08 14.17 -11.55
CA PRO C 36 18.02 12.73 -11.80
C PRO C 36 18.27 11.91 -10.53
N TYR C 37 17.38 10.93 -10.28
CA TYR C 37 17.43 10.12 -9.07
C TYR C 37 17.98 8.74 -9.41
N ILE C 38 19.18 8.45 -8.91
CA ILE C 38 19.90 7.24 -9.30
C ILE C 38 19.20 5.99 -8.76
N LEU C 39 18.57 6.11 -7.60
CA LEU C 39 17.85 5.00 -6.99
C LEU C 39 16.66 4.55 -7.86
N ASP C 40 16.08 5.47 -8.63
CA ASP C 40 15.05 5.12 -9.59
C ASP C 40 15.69 4.67 -10.89
N ILE C 41 16.73 5.39 -11.29
CA ILE C 41 17.31 5.23 -12.61
C ILE C 41 18.03 3.90 -12.79
N LEU C 42 18.75 3.46 -11.76
CA LEU C 42 19.52 2.22 -11.87
C LEU C 42 18.62 0.99 -11.92
N PRO C 43 17.74 0.84 -10.91
CA PRO C 43 16.77 -0.24 -11.00
C PRO C 43 16.06 -0.28 -12.36
N ASP C 44 15.44 0.83 -12.76
CA ASP C 44 14.72 0.87 -14.03
C ASP C 44 15.63 0.47 -15.19
N THR C 45 16.93 0.56 -14.96
CA THR C 45 17.92 0.16 -15.97
C THR C 45 18.09 -1.36 -15.94
N TYR C 46 18.38 -1.87 -14.75
CA TYR C 46 18.43 -3.32 -14.51
C TYR C 46 17.16 -3.96 -15.04
N GLN C 47 16.03 -3.50 -14.52
CA GLN C 47 14.73 -3.98 -14.93
C GLN C 47 14.70 -4.12 -16.45
N HIS C 48 15.10 -3.08 -17.16
CA HIS C 48 15.04 -3.10 -18.62
C HIS C 48 16.05 -4.07 -19.22
N LEU C 49 17.13 -4.34 -18.49
CA LEU C 49 18.14 -5.28 -18.97
C LEU C 49 17.63 -6.71 -18.87
N ARG C 50 16.69 -6.94 -17.96
CA ARG C 50 16.04 -8.23 -17.83
C ARG C 50 15.05 -8.41 -18.99
N LEU C 51 14.27 -7.38 -19.25
CA LEU C 51 13.35 -7.38 -20.39
C LEU C 51 14.07 -7.81 -21.65
N ILE C 52 15.28 -7.28 -21.85
CA ILE C 52 16.07 -7.57 -23.04
C ILE C 52 16.67 -8.97 -22.98
N LEU C 53 16.76 -9.54 -21.77
CA LEU C 53 17.24 -10.90 -21.59
C LEU C 53 16.09 -11.88 -21.48
N SER C 54 14.87 -11.35 -21.68
CA SER C 54 13.67 -12.17 -21.62
C SER C 54 12.92 -12.09 -22.96
N LYS C 55 13.47 -11.29 -23.88
CA LYS C 55 12.97 -11.22 -25.25
C LYS C 55 14.07 -11.62 -26.21
N TYR C 56 15.18 -12.12 -25.67
CA TYR C 56 16.34 -12.51 -26.48
C TYR C 56 16.90 -13.87 -26.05
N ASP C 57 16.62 -14.27 -24.81
CA ASP C 57 17.15 -15.52 -24.28
C ASP C 57 16.46 -16.74 -24.85
N ASP C 58 15.17 -16.61 -25.18
CA ASP C 58 14.36 -17.73 -25.65
C ASP C 58 14.99 -18.43 -26.86
N ASN C 59 15.58 -17.66 -27.78
CA ASN C 59 16.21 -18.23 -28.96
C ASN C 59 17.72 -18.37 -28.81
N GLN C 60 18.20 -18.42 -27.57
CA GLN C 60 19.63 -18.43 -27.32
C GLN C 60 20.33 -17.45 -28.25
N LYS C 61 19.74 -16.26 -28.39
CA LYS C 61 20.31 -15.21 -29.21
C LYS C 61 21.43 -14.50 -28.45
N LEU C 62 21.60 -14.85 -27.18
CA LEU C 62 22.62 -14.26 -26.33
C LEU C 62 23.95 -14.16 -27.09
N ALA C 63 24.15 -15.05 -28.05
CA ALA C 63 25.30 -14.97 -28.94
C ALA C 63 25.14 -13.75 -29.85
N GLN C 64 23.94 -13.61 -30.40
CA GLN C 64 23.62 -12.49 -31.27
C GLN C 64 23.64 -11.17 -30.50
N LEU C 65 23.21 -11.23 -29.25
CA LEU C 65 23.08 -10.02 -28.43
C LEU C 65 24.43 -9.46 -28.00
N SER C 66 25.23 -10.26 -27.29
CA SER C 66 26.48 -9.77 -26.71
C SER C 66 27.51 -9.48 -27.81
N GLU C 67 27.03 -9.34 -29.04
CA GLU C 67 27.89 -8.96 -30.16
C GLU C 67 27.41 -7.68 -30.83
N ASN C 68 26.14 -7.33 -30.63
CA ASN C 68 25.60 -6.07 -31.14
C ASN C 68 26.44 -4.89 -30.67
N GLU C 69 27.05 -4.18 -31.62
CA GLU C 69 28.02 -3.15 -31.29
C GLU C 69 27.47 -2.16 -30.26
N TYR C 70 26.25 -1.68 -30.48
CA TYR C 70 25.67 -0.73 -29.53
C TYR C 70 25.62 -1.31 -28.13
N PHE C 71 25.10 -2.53 -28.02
CA PHE C 71 24.93 -3.16 -26.73
C PHE C 71 26.26 -3.39 -26.02
N LYS C 72 27.30 -3.71 -26.79
CA LYS C 72 28.63 -3.89 -26.23
C LYS C 72 29.13 -2.58 -25.61
N ILE C 73 28.80 -1.47 -26.25
CA ILE C 73 29.23 -0.15 -25.76
C ILE C 73 28.40 0.27 -24.56
N TYR C 74 27.10 -0.01 -24.60
CA TYR C 74 26.22 0.31 -23.49
C TYR C 74 26.69 -0.39 -22.22
N ILE C 75 26.93 -1.69 -22.33
CA ILE C 75 27.32 -2.49 -21.17
C ILE C 75 28.68 -2.04 -20.65
N ASP C 76 29.64 -1.88 -21.56
CA ASP C 76 30.96 -1.36 -21.22
C ASP C 76 30.81 0.00 -20.53
N SER C 77 29.97 0.87 -21.09
CA SER C 77 29.76 2.19 -20.52
C SER C 77 29.21 2.09 -19.09
N LEU C 78 28.11 1.37 -18.93
CA LEU C 78 27.51 1.18 -17.62
C LEU C 78 28.57 0.72 -16.63
N MET C 79 29.42 -0.19 -17.09
CA MET C 79 30.47 -0.75 -16.23
C MET C 79 31.42 0.34 -15.78
N LYS C 80 31.94 1.12 -16.73
CA LYS C 80 32.88 2.19 -16.42
C LYS C 80 32.26 3.19 -15.44
N LYS C 81 31.09 3.71 -15.80
CA LYS C 81 30.41 4.70 -14.96
C LYS C 81 30.09 4.14 -13.58
N SER C 82 29.76 2.85 -13.52
CA SER C 82 29.45 2.20 -12.26
C SER C 82 30.69 2.10 -11.39
N LYS C 83 31.81 1.68 -11.97
CA LYS C 83 33.07 1.61 -11.24
C LYS C 83 33.50 2.98 -10.75
N ARG C 84 33.25 4.00 -11.55
CA ARG C 84 33.62 5.37 -11.20
C ARG C 84 32.76 5.89 -10.05
N ALA C 85 31.50 5.48 -10.02
CA ALA C 85 30.60 5.87 -8.94
C ALA C 85 31.07 5.25 -7.63
N ILE C 86 31.56 4.02 -7.71
CA ILE C 86 32.08 3.32 -6.54
C ILE C 86 33.36 3.99 -6.05
N ARG C 87 34.28 4.22 -6.97
CA ARG C 87 35.53 4.89 -6.67
C ARG C 87 35.23 6.23 -6.01
N LEU C 88 34.22 6.92 -6.53
CA LEU C 88 33.79 8.20 -5.99
C LEU C 88 33.54 8.10 -4.49
N PHE C 89 32.93 7.00 -4.05
CA PHE C 89 32.61 6.79 -2.64
C PHE C 89 33.84 6.42 -1.81
N LYS C 90 34.66 5.50 -2.31
CA LYS C 90 35.84 5.06 -1.58
C LYS C 90 36.74 6.24 -1.27
N GLU C 91 37.16 6.96 -2.31
CA GLU C 91 38.07 8.09 -2.16
C GLU C 91 37.35 9.32 -1.62
N GLY C 92 36.03 9.35 -1.76
CA GLY C 92 35.23 10.48 -1.27
C GLY C 92 35.09 10.45 0.24
N LYS C 93 34.91 9.24 0.77
CA LYS C 93 34.82 9.04 2.21
C LYS C 93 33.78 9.96 2.85
N GLU C 94 34.21 10.77 3.80
CA GLU C 94 33.29 11.58 4.61
C GLU C 94 32.76 12.77 3.82
N ARG C 95 33.43 13.14 2.74
CA ARG C 95 33.04 14.30 1.95
C ARG C 95 31.77 14.05 1.15
N MET C 96 31.33 12.79 1.12
CA MET C 96 30.07 12.43 0.48
C MET C 96 28.89 12.83 1.35
N TYR C 97 29.14 13.12 2.62
CA TYR C 97 28.08 13.55 3.52
C TYR C 97 28.00 15.08 3.53
N GLU C 98 28.67 15.70 2.55
CA GLU C 98 28.50 17.11 2.25
C GLU C 98 27.79 17.24 0.90
N GLU C 99 26.56 17.71 0.92
CA GLU C 99 25.73 17.70 -0.29
C GLU C 99 26.35 18.47 -1.45
N GLN C 100 27.01 19.59 -1.14
CA GLN C 100 27.53 20.47 -2.18
C GLN C 100 29.03 20.29 -2.44
N SER C 101 29.57 19.16 -1.98
CA SER C 101 30.97 18.83 -2.24
C SER C 101 31.18 18.43 -3.69
N GLN C 102 32.40 18.61 -4.18
CA GLN C 102 32.76 18.23 -5.54
C GLN C 102 32.35 16.79 -5.82
N ASP C 103 32.60 15.91 -4.84
CA ASP C 103 32.30 14.49 -4.97
C ASP C 103 30.81 14.22 -5.10
N ARG C 104 30.01 14.85 -4.25
CA ARG C 104 28.56 14.74 -4.38
C ARG C 104 28.09 15.28 -5.73
N ARG C 105 28.65 16.42 -6.13
CA ARG C 105 28.28 17.03 -7.39
C ARG C 105 28.63 16.13 -8.56
N ASN C 106 29.69 15.34 -8.41
CA ASN C 106 30.04 14.36 -9.44
C ASN C 106 29.07 13.19 -9.47
N LEU C 107 28.61 12.77 -8.30
CA LEU C 107 27.60 11.72 -8.22
C LEU C 107 26.39 12.14 -9.04
N THR C 108 25.88 13.34 -8.74
CA THR C 108 24.77 13.89 -9.51
C THR C 108 25.04 13.75 -11.00
N LYS C 109 26.22 14.19 -11.43
CA LYS C 109 26.53 14.22 -12.85
C LYS C 109 26.41 12.81 -13.46
N LEU C 110 26.97 11.82 -12.77
CA LEU C 110 26.86 10.44 -13.24
C LEU C 110 25.39 10.04 -13.32
N SER C 111 24.60 10.46 -12.33
CA SER C 111 23.17 10.20 -12.33
C SER C 111 22.53 10.67 -13.63
N LEU C 112 22.82 11.91 -14.02
CA LEU C 112 22.35 12.43 -15.30
C LEU C 112 22.71 11.48 -16.42
N ILE C 113 23.96 11.02 -16.41
CA ILE C 113 24.43 10.13 -17.47
C ILE C 113 23.63 8.83 -17.48
N PHE C 114 23.33 8.30 -16.30
CA PHE C 114 22.54 7.08 -16.22
C PHE C 114 21.14 7.33 -16.74
N SER C 115 20.54 8.45 -16.34
CA SER C 115 19.23 8.85 -16.83
C SER C 115 19.19 8.91 -18.35
N HIS C 116 20.13 9.63 -18.95
CA HIS C 116 20.18 9.71 -20.40
C HIS C 116 20.41 8.34 -21.00
N MET C 117 21.11 7.48 -20.25
CA MET C 117 21.35 6.12 -20.71
C MET C 117 20.05 5.32 -20.68
N LEU C 118 19.28 5.48 -19.62
CA LEU C 118 17.99 4.81 -19.52
C LEU C 118 17.11 5.26 -20.69
N ALA C 119 16.97 6.57 -20.85
CA ALA C 119 16.18 7.11 -21.95
C ALA C 119 16.66 6.57 -23.27
N GLU C 120 17.92 6.15 -23.33
CA GLU C 120 18.50 5.71 -24.59
C GLU C 120 18.06 4.30 -24.97
N ILE C 121 18.25 3.35 -24.06
CA ILE C 121 17.90 1.96 -24.32
C ILE C 121 16.41 1.76 -24.57
N LYS C 122 15.57 2.57 -23.91
CA LYS C 122 14.13 2.46 -24.07
C LYS C 122 13.68 3.02 -25.41
N ALA C 123 14.62 3.56 -26.18
CA ALA C 123 14.34 4.07 -27.52
C ALA C 123 15.02 3.20 -28.58
N ILE C 124 16.08 2.51 -28.19
CA ILE C 124 16.82 1.65 -29.11
C ILE C 124 16.41 0.19 -28.90
N PHE C 125 16.12 -0.16 -27.66
CA PHE C 125 15.51 -1.44 -27.35
C PHE C 125 14.13 -1.20 -26.75
N PRO C 126 13.22 -0.59 -27.53
CA PRO C 126 11.86 -0.49 -27.02
C PRO C 126 11.30 -1.89 -26.78
N ASN C 127 10.64 -2.08 -25.64
CA ASN C 127 10.12 -3.39 -25.29
C ASN C 127 11.17 -4.49 -25.47
N GLY C 128 12.42 -4.14 -25.16
CA GLY C 128 13.50 -5.11 -25.13
C GLY C 128 13.97 -5.63 -26.49
N GLN C 129 13.43 -5.06 -27.56
CA GLN C 129 13.76 -5.54 -28.91
C GLN C 129 14.53 -4.49 -29.72
N PHE C 130 15.69 -4.89 -30.23
CA PHE C 130 16.57 -4.00 -30.97
C PHE C 130 15.85 -3.38 -32.17
N GLN C 131 15.80 -2.05 -32.20
CA GLN C 131 15.24 -1.32 -33.31
C GLN C 131 16.20 -0.24 -33.78
N GLY C 132 17.47 -0.39 -33.38
CA GLY C 132 18.50 0.59 -33.70
C GLY C 132 18.48 0.96 -35.17
N ASP C 133 18.50 -0.04 -36.04
CA ASP C 133 18.60 0.19 -37.49
C ASP C 133 17.27 0.61 -38.11
N ASN C 134 16.20 0.57 -37.32
CA ASN C 134 14.91 1.08 -37.76
C ASN C 134 14.47 2.28 -36.93
N PHE C 135 15.43 3.05 -36.45
CA PHE C 135 15.12 4.25 -35.69
C PHE C 135 14.80 5.40 -36.64
N ARG C 136 13.61 5.96 -36.49
CA ARG C 136 13.21 7.10 -37.29
C ARG C 136 13.68 8.39 -36.61
N ILE C 137 14.48 9.17 -37.33
CA ILE C 137 14.97 10.44 -36.84
C ILE C 137 13.91 11.51 -37.12
N THR C 138 13.45 12.17 -36.06
CA THR C 138 12.30 13.09 -36.17
C THR C 138 12.46 14.10 -37.29
N LYS C 139 13.58 14.81 -37.29
CA LYS C 139 13.87 15.77 -38.34
C LYS C 139 14.32 15.06 -39.61
N ALA C 140 13.73 15.44 -40.74
CA ALA C 140 13.99 14.78 -42.01
C ALA C 140 15.30 15.25 -42.65
N ASP C 141 15.61 16.54 -42.49
CA ASP C 141 16.87 17.08 -43.00
C ASP C 141 18.06 16.36 -42.38
N ALA C 142 18.01 16.20 -41.06
CA ALA C 142 19.07 15.53 -40.32
C ALA C 142 19.08 14.04 -40.63
N ALA C 143 17.90 13.49 -40.85
CA ALA C 143 17.75 12.09 -41.22
C ALA C 143 18.55 11.79 -42.50
N GLU C 144 18.38 12.64 -43.51
CA GLU C 144 19.11 12.52 -44.77
C GLU C 144 20.62 12.43 -44.52
N PHE C 145 21.10 13.22 -43.55
CA PHE C 145 22.52 13.29 -43.23
C PHE C 145 23.01 12.01 -42.59
N TRP C 146 22.27 11.53 -41.59
CA TRP C 146 22.66 10.33 -40.87
C TRP C 146 22.65 9.14 -41.81
N ARG C 147 21.62 9.07 -42.65
CA ARG C 147 21.50 8.00 -43.63
C ARG C 147 22.58 8.07 -44.69
N LYS C 148 22.87 9.28 -45.16
CA LYS C 148 23.86 9.50 -46.20
C LYS C 148 25.26 9.04 -45.78
N PHE C 149 25.57 9.14 -44.49
CA PHE C 149 26.91 8.87 -44.01
C PHE C 149 27.07 7.55 -43.26
N PHE C 150 26.09 7.21 -42.43
CA PHE C 150 26.21 6.02 -41.60
C PHE C 150 25.16 4.96 -41.94
N GLY C 151 24.42 5.19 -43.02
CA GLY C 151 23.37 4.28 -43.44
C GLY C 151 22.26 4.16 -42.40
N ASP C 152 22.03 2.93 -41.93
CA ASP C 152 21.03 2.69 -40.90
C ASP C 152 21.73 2.22 -39.63
N LYS C 153 22.97 2.65 -39.45
CA LYS C 153 23.74 2.30 -38.26
C LYS C 153 23.11 2.90 -37.01
N THR C 154 23.52 2.40 -35.86
CA THR C 154 22.90 2.76 -34.60
C THR C 154 23.79 3.73 -33.81
N ILE C 155 25.11 3.55 -33.93
CA ILE C 155 26.05 4.30 -33.12
C ILE C 155 27.35 4.55 -33.90
N VAL C 156 28.10 5.57 -33.50
CA VAL C 156 29.29 5.97 -34.23
C VAL C 156 30.27 6.71 -33.31
N PRO C 157 31.58 6.42 -33.45
CA PRO C 157 32.56 7.14 -32.63
C PRO C 157 32.49 8.65 -32.83
N TRP C 158 32.68 9.40 -31.74
CA TRP C 158 32.59 10.86 -31.79
C TRP C 158 33.49 11.44 -32.88
N LYS C 159 34.70 10.91 -32.99
CA LYS C 159 35.68 11.41 -33.96
C LYS C 159 35.27 11.17 -35.42
N VAL C 160 34.58 10.06 -35.66
CA VAL C 160 34.11 9.75 -37.01
C VAL C 160 32.87 10.56 -37.32
N PHE C 161 31.99 10.71 -36.33
CA PHE C 161 30.81 11.54 -36.50
C PHE C 161 31.23 12.97 -36.85
N ARG C 162 32.19 13.49 -36.09
CA ARG C 162 32.65 14.86 -36.27
C ARG C 162 33.25 15.07 -37.66
N GLN C 163 34.03 14.10 -38.11
CA GLN C 163 34.61 14.14 -39.46
C GLN C 163 33.51 14.37 -40.49
N CYS C 164 32.45 13.59 -40.41
CA CYS C 164 31.39 13.61 -41.42
C CYS C 164 30.53 14.86 -41.35
N LEU C 165 30.31 15.36 -40.14
CA LEU C 165 29.53 16.57 -39.95
C LEU C 165 30.29 17.78 -40.51
N HIS C 166 31.61 17.74 -40.38
CA HIS C 166 32.47 18.85 -40.80
C HIS C 166 32.35 19.12 -42.31
N GLU C 167 32.00 18.10 -43.08
CA GLU C 167 31.77 18.27 -44.52
C GLU C 167 30.54 19.16 -44.76
N VAL C 168 29.54 19.04 -43.90
CA VAL C 168 28.30 19.80 -44.05
C VAL C 168 28.33 21.10 -43.25
N HIS C 169 28.68 20.99 -41.96
CA HIS C 169 28.69 22.14 -41.07
C HIS C 169 30.04 22.26 -40.38
N GLN C 170 30.59 23.46 -40.37
CA GLN C 170 31.95 23.65 -39.87
C GLN C 170 31.98 24.52 -38.60
N ILE C 171 32.21 23.87 -37.47
CA ILE C 171 32.32 24.55 -36.18
C ILE C 171 33.80 24.66 -35.80
N SER C 172 34.14 25.70 -35.05
CA SER C 172 35.52 25.92 -34.61
C SER C 172 35.87 24.93 -33.51
N SER C 173 37.09 24.39 -33.59
CA SER C 173 37.58 23.50 -32.54
C SER C 173 37.80 24.29 -31.27
N GLY C 174 38.10 23.60 -30.18
CA GLY C 174 38.25 24.24 -28.89
C GLY C 174 36.91 24.49 -28.24
N LEU C 175 36.78 25.62 -27.56
CA LEU C 175 35.56 25.99 -26.87
C LEU C 175 34.33 25.44 -27.58
N GLU C 176 34.25 25.70 -28.89
CA GLU C 176 33.07 25.31 -29.65
C GLU C 176 32.93 23.80 -29.75
N ALA C 177 34.02 23.10 -30.05
CA ALA C 177 33.97 21.65 -30.24
C ALA C 177 33.72 20.87 -28.95
N MET C 178 34.32 21.31 -27.85
CA MET C 178 34.13 20.64 -26.56
C MET C 178 32.67 20.76 -26.13
N ALA C 179 32.15 21.98 -26.25
CA ALA C 179 30.79 22.26 -25.84
C ALA C 179 29.81 21.49 -26.71
N LEU C 180 30.15 21.34 -27.99
CA LEU C 180 29.31 20.59 -28.91
C LEU C 180 29.20 19.16 -28.45
N LYS C 181 30.36 18.53 -28.23
CA LYS C 181 30.42 17.15 -27.78
C LYS C 181 29.72 16.98 -26.43
N SER C 182 29.79 18.00 -25.59
CA SER C 182 29.12 17.95 -24.30
C SER C 182 27.61 17.99 -24.49
N THR C 183 27.18 18.70 -25.52
CA THR C 183 25.76 18.84 -25.80
C THR C 183 25.18 17.57 -26.43
N ILE C 184 25.92 17.00 -27.39
CA ILE C 184 25.45 15.84 -28.15
C ILE C 184 25.69 14.52 -27.43
N ASP C 185 26.89 14.34 -26.90
CA ASP C 185 27.27 13.09 -26.24
C ASP C 185 26.68 13.03 -24.83
N LEU C 186 25.37 12.83 -24.75
CA LEU C 186 24.68 12.76 -23.47
C LEU C 186 25.16 11.61 -22.57
N THR C 187 25.37 10.44 -23.14
CA THR C 187 25.83 9.29 -22.36
C THR C 187 27.32 9.39 -22.05
N CYS C 188 27.96 10.44 -22.55
CA CYS C 188 29.34 10.72 -22.18
C CYS C 188 30.16 9.44 -22.31
N ASN C 189 30.15 8.85 -23.50
CA ASN C 189 30.86 7.59 -23.75
C ASN C 189 31.66 7.61 -25.04
N ASP C 190 31.88 8.79 -25.60
CA ASP C 190 32.68 8.95 -26.82
C ASP C 190 32.00 8.43 -28.08
N TYR C 191 30.71 8.13 -27.99
CA TYR C 191 29.96 7.71 -29.17
C TYR C 191 28.72 8.58 -29.35
N ILE C 192 28.29 8.73 -30.59
CA ILE C 192 27.02 9.39 -30.89
C ILE C 192 26.00 8.36 -31.35
N SER C 193 25.06 8.02 -30.47
CA SER C 193 23.99 7.10 -30.84
C SER C 193 23.03 7.83 -31.77
N VAL C 194 22.12 7.09 -32.37
CA VAL C 194 21.13 7.68 -33.26
C VAL C 194 20.08 8.42 -32.43
N PHE C 195 19.82 7.88 -31.25
CA PHE C 195 18.96 8.55 -30.26
C PHE C 195 19.55 9.92 -29.95
N GLU C 196 20.81 9.92 -29.51
CA GLU C 196 21.51 11.16 -29.18
C GLU C 196 21.47 12.16 -30.33
N PHE C 197 21.60 11.66 -31.56
CA PHE C 197 21.54 12.51 -32.74
C PHE C 197 20.15 13.11 -32.92
N ASP C 198 19.14 12.28 -32.64
CA ASP C 198 17.74 12.71 -32.69
C ASP C 198 17.51 13.83 -31.68
N ILE C 199 17.90 13.57 -30.43
CA ILE C 199 17.74 14.55 -29.35
C ILE C 199 18.36 15.90 -29.68
N PHE C 200 19.60 15.88 -30.18
CA PHE C 200 20.32 17.10 -30.49
C PHE C 200 19.77 17.83 -31.71
N THR C 201 19.32 17.07 -32.71
CA THR C 201 18.80 17.65 -33.94
C THR C 201 17.45 18.32 -33.71
N ARG C 202 16.68 17.78 -32.78
CA ARG C 202 15.41 18.39 -32.40
C ARG C 202 15.68 19.68 -31.66
N LEU C 203 16.49 19.60 -30.61
CA LEU C 203 16.80 20.76 -29.78
C LEU C 203 17.30 21.95 -30.58
N PHE C 204 18.18 21.69 -31.55
CA PHE C 204 18.85 22.78 -32.24
C PHE C 204 18.54 22.85 -33.74
N GLN C 205 17.27 22.66 -34.06
CA GLN C 205 16.78 22.87 -35.42
C GLN C 205 16.89 24.36 -35.75
N PRO C 206 16.85 24.71 -37.03
CA PRO C 206 16.74 23.73 -38.12
C PRO C 206 18.11 23.25 -38.59
N TRP C 207 18.12 22.10 -39.25
CA TRP C 207 19.37 21.46 -39.66
C TRP C 207 20.30 22.37 -40.48
N GLY C 208 19.70 23.22 -41.32
CA GLY C 208 20.46 24.05 -42.26
C GLY C 208 21.56 24.90 -41.63
N SER C 209 21.31 25.38 -40.42
CA SER C 209 22.27 26.21 -39.70
C SER C 209 22.38 25.73 -38.25
N ILE C 210 22.42 24.41 -38.07
CA ILE C 210 22.34 23.82 -36.74
C ILE C 210 23.50 24.25 -35.83
N LEU C 211 24.72 24.18 -36.35
CA LEU C 211 25.89 24.62 -35.59
C LEU C 211 25.83 26.12 -35.28
N ARG C 212 25.15 26.88 -36.13
CA ARG C 212 24.94 28.29 -35.85
C ARG C 212 23.91 28.45 -34.75
N ASN C 213 22.81 27.69 -34.85
CA ASN C 213 21.78 27.73 -33.82
C ASN C 213 22.36 27.32 -32.47
N TRP C 214 23.06 26.18 -32.47
CA TRP C 214 23.63 25.63 -31.26
C TRP C 214 24.52 26.64 -30.54
N ASN C 215 25.42 27.26 -31.29
CA ASN C 215 26.42 28.14 -30.70
C ASN C 215 25.83 29.40 -30.11
N PHE C 216 24.80 29.96 -30.74
CA PHE C 216 24.16 31.14 -30.21
C PHE C 216 23.43 30.81 -28.91
N LEU C 217 22.89 29.60 -28.84
CA LEU C 217 22.01 29.21 -27.75
C LEU C 217 22.74 28.53 -26.60
N ALA C 218 23.75 27.73 -26.92
CA ALA C 218 24.42 26.89 -25.91
C ALA C 218 25.86 27.31 -25.63
N VAL C 219 26.30 28.41 -26.23
CA VAL C 219 27.63 28.92 -25.94
C VAL C 219 27.57 30.39 -25.55
N THR C 220 27.19 31.25 -26.48
CA THR C 220 27.20 32.69 -26.25
C THR C 220 26.08 33.12 -25.31
N HIS C 221 24.89 32.58 -25.50
CA HIS C 221 23.70 33.05 -24.79
C HIS C 221 23.71 32.72 -23.30
N PRO C 222 23.68 33.75 -22.44
CA PRO C 222 23.79 33.64 -20.99
C PRO C 222 22.50 33.23 -20.28
N GLY C 223 21.39 33.22 -21.01
CA GLY C 223 20.14 32.69 -20.48
C GLY C 223 20.14 31.16 -20.38
N TYR C 224 21.01 30.52 -21.15
CA TYR C 224 21.03 29.06 -21.22
C TYR C 224 21.54 28.41 -19.93
N MET C 225 20.77 27.47 -19.40
CA MET C 225 21.08 26.84 -18.12
C MET C 225 21.31 25.32 -18.22
N ALA C 226 21.38 24.79 -19.43
CA ALA C 226 21.48 23.35 -19.61
C ALA C 226 20.44 22.64 -18.74
N PHE C 227 20.82 21.50 -18.17
CA PHE C 227 19.88 20.70 -17.37
C PHE C 227 19.66 21.26 -15.96
N LEU C 228 18.43 21.70 -15.71
CA LEU C 228 17.98 22.10 -14.39
C LEU C 228 16.56 21.59 -14.17
N THR C 229 16.15 21.47 -12.90
CA THR C 229 14.78 21.09 -12.58
C THR C 229 13.89 22.31 -12.55
N TYR C 230 12.58 22.08 -12.51
CA TYR C 230 11.60 23.13 -12.37
C TYR C 230 11.88 23.95 -11.10
N ASP C 231 12.13 23.25 -10.00
CA ASP C 231 12.42 23.92 -8.73
C ASP C 231 13.72 24.72 -8.79
N GLU C 232 14.75 24.13 -9.39
CA GLU C 232 16.03 24.79 -9.53
C GLU C 232 15.91 26.06 -10.37
N VAL C 233 15.12 25.99 -11.43
CA VAL C 233 14.83 27.18 -12.23
C VAL C 233 14.08 28.22 -11.40
N LYS C 234 13.16 27.75 -10.57
CA LYS C 234 12.40 28.65 -9.69
C LYS C 234 13.31 29.36 -8.71
N ALA C 235 14.23 28.61 -8.11
CA ALA C 235 15.16 29.15 -7.13
C ALA C 235 16.07 30.22 -7.73
N ARG C 236 16.56 29.97 -8.95
CA ARG C 236 17.49 30.91 -9.58
C ARG C 236 16.82 32.22 -9.95
N LEU C 237 15.54 32.18 -10.32
CA LEU C 237 14.81 33.39 -10.70
C LEU C 237 14.30 34.16 -9.49
N GLN C 238 14.21 33.50 -8.34
CA GLN C 238 13.85 34.20 -7.10
C GLN C 238 14.72 35.44 -6.93
N LYS C 239 16.02 35.28 -7.19
CA LYS C 239 17.00 36.36 -6.98
C LYS C 239 16.64 37.59 -7.79
N TYR C 240 15.98 37.39 -8.93
CA TYR C 240 15.66 38.48 -9.84
C TYR C 240 14.18 38.85 -9.81
N SER C 241 13.46 38.33 -8.82
CA SER C 241 12.01 38.53 -8.75
C SER C 241 11.62 40.00 -8.80
N THR C 242 12.45 40.86 -8.21
CA THR C 242 12.20 42.29 -8.23
C THR C 242 12.62 42.91 -9.58
N LYS C 243 12.95 42.07 -10.55
CA LYS C 243 13.34 42.56 -11.87
C LYS C 243 12.78 41.70 -13.01
N PRO C 244 11.63 42.11 -13.55
CA PRO C 244 11.15 41.52 -14.80
C PRO C 244 11.64 42.34 -15.99
N GLY C 245 11.75 41.70 -17.15
CA GLY C 245 11.51 40.27 -17.30
C GLY C 245 12.83 39.53 -17.36
N SER C 246 13.28 39.04 -16.21
CA SER C 246 14.46 38.21 -16.14
C SER C 246 14.01 36.80 -16.48
N TYR C 247 14.79 36.11 -17.31
CA TYR C 247 14.38 34.80 -17.77
C TYR C 247 15.58 33.88 -17.95
N ILE C 248 15.28 32.60 -18.14
CA ILE C 248 16.27 31.61 -18.50
C ILE C 248 15.57 30.46 -19.19
N PHE C 249 16.33 29.66 -19.94
CA PHE C 249 15.78 28.47 -20.55
C PHE C 249 16.69 27.30 -20.23
N ARG C 250 16.16 26.09 -20.37
CA ARG C 250 16.86 24.92 -19.85
C ARG C 250 16.40 23.65 -20.53
N LEU C 251 17.12 22.57 -20.28
CA LEU C 251 16.71 21.25 -20.72
C LEU C 251 16.24 20.47 -19.50
N SER C 252 15.64 19.30 -19.72
CA SER C 252 15.13 18.49 -18.62
C SER C 252 15.46 17.03 -18.88
N CYS C 253 15.96 16.34 -17.84
CA CYS C 253 16.35 14.93 -17.99
C CYS C 253 15.13 14.03 -18.10
N THR C 254 13.96 14.58 -17.84
CA THR C 254 12.72 13.82 -17.91
C THR C 254 12.02 14.01 -19.25
N ARG C 255 12.39 15.06 -19.97
CA ARG C 255 11.79 15.34 -21.27
C ARG C 255 12.87 15.65 -22.31
N LEU C 256 13.72 14.66 -22.59
CA LEU C 256 14.83 14.89 -23.50
C LEU C 256 14.36 15.37 -24.85
N GLY C 257 15.04 16.37 -25.40
CA GLY C 257 14.73 16.88 -26.73
C GLY C 257 13.74 18.04 -26.69
N GLN C 258 13.41 18.49 -25.49
CA GLN C 258 12.50 19.61 -25.32
C GLN C 258 13.11 20.73 -24.48
N TRP C 259 12.64 21.95 -24.75
CA TRP C 259 13.09 23.13 -24.02
C TRP C 259 12.05 23.55 -23.00
N ALA C 260 12.49 24.30 -22.01
CA ALA C 260 11.59 24.90 -21.03
C ALA C 260 12.09 26.28 -20.70
N ILE C 261 11.17 27.20 -20.41
CA ILE C 261 11.49 28.59 -20.18
C ILE C 261 10.87 29.09 -18.89
N GLY C 262 11.59 29.96 -18.19
CA GLY C 262 11.11 30.56 -16.96
C GLY C 262 11.41 32.05 -16.96
N TYR C 263 10.52 32.83 -16.35
CA TYR C 263 10.70 34.28 -16.36
C TYR C 263 9.87 34.96 -15.28
N VAL C 264 10.23 36.20 -14.98
CA VAL C 264 9.59 36.97 -13.92
C VAL C 264 8.58 37.94 -14.51
N THR C 265 7.41 38.01 -13.90
CA THR C 265 6.33 38.83 -14.41
C THR C 265 6.34 40.22 -13.79
N GLY C 266 5.37 41.04 -14.20
CA GLY C 266 5.25 42.40 -13.68
C GLY C 266 4.98 42.45 -12.19
N ASP C 267 4.17 41.51 -11.69
CA ASP C 267 3.87 41.45 -10.26
C ASP C 267 5.00 40.77 -9.50
N GLY C 268 6.13 40.57 -10.18
CA GLY C 268 7.32 40.00 -9.57
C GLY C 268 7.17 38.56 -9.12
N ASN C 269 6.67 37.71 -10.01
CA ASN C 269 6.57 36.28 -9.72
C ASN C 269 7.05 35.42 -10.89
N ILE C 270 7.40 34.18 -10.59
CA ILE C 270 8.02 33.31 -11.58
C ILE C 270 7.05 32.23 -12.03
N LEU C 271 6.72 32.24 -13.31
CA LEU C 271 5.95 31.14 -13.90
C LEU C 271 6.70 30.63 -15.12
N GLN C 272 6.61 29.31 -15.34
CA GLN C 272 7.37 28.67 -16.41
C GLN C 272 6.49 28.18 -17.55
N THR C 273 6.71 28.73 -18.74
CA THR C 273 6.02 28.25 -19.94
C THR C 273 6.93 27.33 -20.73
N ILE C 274 6.59 27.10 -21.99
CA ILE C 274 7.36 26.20 -22.84
C ILE C 274 7.16 26.57 -24.31
N PRO C 275 8.19 26.35 -25.13
CA PRO C 275 8.02 26.53 -26.56
C PRO C 275 7.45 25.27 -27.21
N HIS C 276 6.21 25.34 -27.66
CA HIS C 276 5.56 24.18 -28.27
C HIS C 276 5.63 24.27 -29.78
N ASN C 277 6.30 23.30 -30.39
CA ASN C 277 6.47 23.26 -31.84
C ASN C 277 7.21 24.49 -32.38
N LYS C 278 8.16 24.98 -31.60
CA LYS C 278 8.80 26.26 -31.92
C LYS C 278 10.31 26.21 -31.74
N PRO C 279 11.05 26.61 -32.79
CA PRO C 279 12.47 26.82 -32.60
C PRO C 279 12.68 27.79 -31.44
N LEU C 280 13.54 27.41 -30.50
CA LEU C 280 13.77 28.22 -29.32
C LEU C 280 14.17 29.64 -29.71
N PHE C 281 15.09 29.76 -30.66
CA PHE C 281 15.59 31.06 -31.08
C PHE C 281 14.44 32.03 -31.28
N GLN C 282 13.53 31.70 -32.20
CA GLN C 282 12.43 32.60 -32.53
C GLN C 282 11.42 32.73 -31.38
N ALA C 283 11.26 31.67 -30.60
CA ALA C 283 10.36 31.72 -29.44
C ALA C 283 10.84 32.79 -28.46
N LEU C 284 12.15 32.96 -28.37
CA LEU C 284 12.73 33.96 -27.49
C LEU C 284 12.55 35.35 -28.07
N ILE C 285 12.95 35.53 -29.32
CA ILE C 285 12.86 36.83 -29.98
C ILE C 285 11.43 37.37 -29.89
N ASP C 286 10.46 36.48 -30.02
CA ASP C 286 9.05 36.84 -29.85
C ASP C 286 8.82 37.43 -28.46
N GLY C 287 9.12 36.64 -27.43
CA GLY C 287 8.89 37.05 -26.05
C GLY C 287 9.66 38.29 -25.68
N SER C 288 10.75 38.54 -26.40
CA SER C 288 11.55 39.75 -26.20
C SER C 288 10.74 40.97 -26.59
N ARG C 289 10.23 40.96 -27.82
CA ARG C 289 9.40 42.05 -28.33
C ARG C 289 8.12 42.19 -27.54
N GLU C 290 7.61 41.06 -27.06
CA GLU C 290 6.38 41.06 -26.25
C GLU C 290 6.68 41.53 -24.83
N GLY C 291 7.96 41.69 -24.50
CA GLY C 291 8.37 42.31 -23.24
C GLY C 291 8.54 41.35 -22.08
N PHE C 292 8.60 40.06 -22.36
CA PHE C 292 8.69 39.04 -21.32
C PHE C 292 10.13 38.55 -21.11
N TYR C 293 10.90 38.46 -22.20
CA TYR C 293 12.29 38.00 -22.13
C TYR C 293 13.30 39.10 -22.47
N LEU C 294 13.57 39.96 -21.49
CA LEU C 294 14.43 41.13 -21.72
C LEU C 294 15.81 40.95 -21.10
N TYR C 295 15.87 40.17 -20.03
CA TYR C 295 17.06 40.10 -19.21
C TYR C 295 17.47 38.65 -18.94
N PRO C 296 18.40 38.14 -19.75
CA PRO C 296 18.83 36.76 -19.61
C PRO C 296 19.66 36.56 -18.34
N ASP C 297 19.12 35.74 -17.44
CA ASP C 297 19.74 35.47 -16.13
C ASP C 297 19.85 36.74 -15.29
N GLY C 298 18.89 37.64 -15.45
CA GLY C 298 18.85 38.88 -14.68
C GLY C 298 19.69 40.00 -15.26
N ARG C 299 20.47 39.70 -16.29
CA ARG C 299 21.44 40.66 -16.83
C ARG C 299 20.80 41.83 -17.59
N SER C 300 21.65 42.66 -18.17
CA SER C 300 21.25 43.91 -18.80
C SER C 300 20.61 43.71 -20.17
N TYR C 301 21.43 43.33 -21.15
CA TYR C 301 20.95 43.22 -22.53
C TYR C 301 20.79 41.77 -22.96
N ASN C 302 20.13 41.57 -24.09
CA ASN C 302 20.17 40.28 -24.78
C ASN C 302 21.40 40.25 -25.67
N PRO C 303 21.85 39.05 -26.06
CA PRO C 303 23.07 38.92 -26.88
C PRO C 303 23.04 39.76 -28.15
N ASP C 304 24.22 40.19 -28.60
CA ASP C 304 24.36 41.03 -29.78
C ASP C 304 24.34 42.51 -29.40
N ASP D 1 -15.68 0.12 -20.99
CA ASP D 1 -16.74 -0.90 -20.70
C ASP D 1 -16.49 -1.61 -19.36
N GLY D 2 -16.36 -2.93 -19.37
CA GLY D 2 -16.23 -3.68 -18.13
C GLY D 2 -15.35 -4.91 -18.23
N MET D 4 -15.07 -9.16 -18.07
CA MET D 4 -15.86 -10.34 -18.40
C MET D 4 -15.71 -11.39 -17.32
N PRO D 5 -16.78 -12.19 -17.09
CA PRO D 5 -16.76 -13.27 -16.10
C PRO D 5 -15.89 -14.44 -16.53
#